data_6G5L
#
_entry.id   6G5L
#
_cell.length_a   77.127
_cell.length_b   74.235
_cell.length_c   91.527
_cell.angle_alpha   90.000
_cell.angle_beta   108.640
_cell.angle_gamma   90.000
#
_symmetry.space_group_name_H-M   'P 1 21 1'
#
loop_
_entity.id
_entity.type
_entity.pdbx_description
1 polymer 'Carbonic anhydrase 12'
2 non-polymer 'ZINC ION'
3 non-polymer 4-chloranyl-2-(cyclohexylamino)-~{N}-(2-hydroxyethyl)-5-sulfamoyl-benzamide
4 non-polymer 1,2-ETHANEDIOL
5 non-polymer DI(HYDROXYETHYL)ETHER
6 water water
#
_entity_poly.entity_id   1
_entity_poly.type   'polypeptide(L)'
_entity_poly.pdbx_seq_one_letter_code
;MSKWTYFGPDGENSWSKKYPSCGGLLQSPIDLHSDILQYDASLTPLEFQGYNLSANKQFLLTNNGHSVKLNLPSDMHIQG
LQSRYSATQLHLHWGNPNDPHGSEHTVSGQHFAAELHIVHYNSDLYPDASTASNKSEGLAVLAVLIEMGSFNPSYDKIFS
HLQHVKYKGQEAFVPGFNIEELLPERTAEYYRYRGSLTTPPCNPTVLWTVFRNPVQISQEQLLALETALYCTHMDDPSPR
EMINNFRQVQKFDERLVYTSFSQ
;
_entity_poly.pdbx_strand_id   A,B,C,D
#
# COMPACT_ATOMS: atom_id res chain seq x y z
N LYS A 3 5.66 2.39 -35.43
CA LYS A 3 5.71 1.85 -34.07
C LYS A 3 4.89 2.90 -33.35
N TRP A 4 5.43 3.47 -32.32
CA TRP A 4 4.57 4.12 -31.36
C TRP A 4 4.63 5.58 -31.65
N THR A 5 3.51 6.26 -31.31
CA THR A 5 3.37 7.67 -31.56
C THR A 5 2.62 8.24 -30.37
N TYR A 6 2.36 9.60 -30.45
CA TYR A 6 1.52 10.27 -29.47
C TYR A 6 0.14 10.60 -30.08
N PHE A 7 -0.31 10.01 -31.14
CA PHE A 7 -1.59 10.30 -31.68
C PHE A 7 -2.02 9.20 -32.59
N GLY A 8 -3.21 9.35 -33.21
CA GLY A 8 -3.72 8.37 -34.19
C GLY A 8 -3.89 6.97 -33.62
N PRO A 9 -3.69 5.93 -34.37
CA PRO A 9 -4.09 4.67 -33.76
C PRO A 9 -2.86 4.02 -33.12
N ASP A 10 -1.66 4.62 -33.23
CA ASP A 10 -0.50 4.09 -32.54
C ASP A 10 -0.08 4.92 -31.31
N GLY A 11 -0.99 5.72 -30.82
CA GLY A 11 -0.89 6.61 -29.70
C GLY A 11 -0.94 5.88 -28.40
N GLU A 12 -0.96 6.67 -27.29
CA GLU A 12 -0.64 6.12 -25.98
C GLU A 12 -1.62 5.08 -25.48
N ASN A 13 -2.93 5.13 -25.89
CA ASN A 13 -3.82 4.09 -25.41
C ASN A 13 -3.52 2.70 -25.99
N SER A 14 -2.71 2.70 -27.08
CA SER A 14 -2.33 1.43 -27.72
C SER A 14 -0.93 0.98 -27.38
N TRP A 15 -0.16 1.75 -26.64
CA TRP A 15 1.24 1.33 -26.34
C TRP A 15 1.25 -0.05 -25.68
N SER A 16 0.29 -0.34 -24.82
CA SER A 16 0.35 -1.55 -24.04
C SER A 16 0.24 -2.83 -24.87
N LYS A 17 -0.11 -2.66 -26.18
N LYS A 17 -0.22 -2.79 -26.06
CA LYS A 17 -0.24 -3.82 -27.19
CA LYS A 17 -0.21 -4.05 -26.78
C LYS A 17 1.12 -4.42 -27.43
C LYS A 17 1.26 -4.51 -27.02
N LYS A 18 2.13 -3.63 -27.63
CA LYS A 18 3.48 -4.07 -27.87
C LYS A 18 4.34 -3.93 -26.64
N TYR A 19 4.02 -3.05 -25.71
CA TYR A 19 4.83 -2.68 -24.57
C TYR A 19 4.02 -2.94 -23.31
N PRO A 20 3.95 -4.19 -22.81
CA PRO A 20 2.98 -4.54 -21.77
C PRO A 20 3.13 -3.70 -20.51
N SER A 21 4.36 -3.21 -20.19
CA SER A 21 4.49 -2.45 -18.93
C SER A 21 3.70 -1.11 -19.00
N CYS A 22 3.36 -0.64 -20.20
CA CYS A 22 2.59 0.59 -20.31
C CYS A 22 1.19 0.44 -19.74
N GLY A 23 0.72 -0.79 -19.52
CA GLY A 23 -0.55 -1.07 -18.82
C GLY A 23 -0.36 -1.62 -17.46
N GLY A 24 0.86 -1.58 -16.92
CA GLY A 24 1.15 -2.12 -15.60
C GLY A 24 1.23 -1.14 -14.49
N LEU A 25 1.93 -1.50 -13.41
CA LEU A 25 1.98 -0.68 -12.24
C LEU A 25 3.02 0.45 -12.40
N LEU A 26 2.90 1.39 -11.45
CA LEU A 26 3.83 2.49 -11.19
C LEU A 26 3.98 3.41 -12.39
N GLN A 27 2.91 3.61 -13.17
CA GLN A 27 3.08 4.44 -14.38
C GLN A 27 3.17 5.93 -14.10
N SER A 28 3.97 6.62 -14.90
CA SER A 28 4.18 8.07 -14.90
C SER A 28 3.72 8.61 -16.24
N PRO A 29 3.43 9.94 -16.36
CA PRO A 29 3.50 10.95 -15.29
C PRO A 29 2.21 10.96 -14.47
N ILE A 30 2.18 11.81 -13.47
CA ILE A 30 1.06 11.94 -12.54
C ILE A 30 0.80 13.39 -12.27
N ASP A 31 -0.40 13.67 -11.74
CA ASP A 31 -0.73 15.01 -11.21
C ASP A 31 -0.22 15.11 -9.81
N LEU A 32 0.57 16.12 -9.56
CA LEU A 32 1.17 16.42 -8.23
C LEU A 32 0.21 17.37 -7.50
N HIS A 33 -0.68 16.84 -6.68
CA HIS A 33 -1.66 17.73 -6.05
C HIS A 33 -1.65 17.59 -4.62
N SER A 34 -2.23 18.54 -3.95
CA SER A 34 -1.91 18.81 -2.58
C SER A 34 -2.35 17.62 -1.72
N ASP A 35 -3.46 16.92 -2.02
CA ASP A 35 -3.89 15.84 -1.11
C ASP A 35 -2.98 14.64 -1.03
N ILE A 36 -2.05 14.50 -1.98
CA ILE A 36 -1.19 13.38 -2.00
C ILE A 36 0.24 13.72 -1.67
N LEU A 37 0.50 14.93 -1.25
CA LEU A 37 1.91 15.35 -0.89
C LEU A 37 2.16 15.14 0.50
N GLN A 38 3.35 14.68 0.79
CA GLN A 38 3.81 14.48 2.21
C GLN A 38 5.22 14.88 2.39
N TYR A 39 5.51 15.83 3.27
CA TYR A 39 6.88 16.23 3.53
C TYR A 39 7.60 15.01 4.12
N ASP A 40 8.86 14.89 3.70
CA ASP A 40 9.77 13.81 4.16
C ASP A 40 11.12 14.51 4.39
N ALA A 41 11.47 14.67 5.68
CA ALA A 41 12.76 15.35 6.07
C ALA A 41 13.98 14.57 5.61
N SER A 42 13.79 13.33 5.21
CA SER A 42 14.91 12.56 4.64
C SER A 42 15.37 13.03 3.24
N LEU A 43 14.57 13.85 2.61
CA LEU A 43 14.86 14.23 1.19
C LEU A 43 15.80 15.42 1.20
N THR A 44 17.08 15.14 1.21
CA THR A 44 18.10 16.22 1.32
C THR A 44 18.56 16.62 -0.11
N PRO A 45 19.29 17.75 -0.19
CA PRO A 45 19.62 18.17 -1.54
C PRO A 45 20.51 17.23 -2.30
N LEU A 46 20.20 17.04 -3.55
CA LEU A 46 21.07 16.31 -4.48
C LEU A 46 22.27 17.17 -4.81
N GLU A 47 23.35 16.47 -5.23
CA GLU A 47 24.52 17.17 -5.68
C GLU A 47 24.72 16.76 -7.13
N PHE A 48 25.03 17.70 -8.00
CA PHE A 48 25.12 17.49 -9.47
C PHE A 48 26.56 17.52 -9.78
N GLN A 49 27.14 16.42 -10.06
CA GLN A 49 28.65 16.29 -10.21
C GLN A 49 29.00 16.03 -11.66
N GLY A 50 29.99 16.71 -12.17
CA GLY A 50 30.36 16.52 -13.54
C GLY A 50 29.35 17.11 -14.56
N TYR A 51 28.51 18.07 -14.05
CA TYR A 51 27.50 18.69 -14.99
C TYR A 51 28.14 19.76 -15.83
N ASN A 52 29.34 20.25 -15.42
CA ASN A 52 29.97 21.30 -16.17
C ASN A 52 30.76 20.63 -17.28
N LEU A 53 30.11 20.35 -18.40
CA LEU A 53 30.72 19.57 -19.45
C LEU A 53 31.76 20.36 -20.15
N SER A 54 32.86 19.63 -20.48
CA SER A 54 34.02 20.29 -21.13
C SER A 54 33.57 21.05 -22.36
N ALA A 55 33.88 22.33 -22.47
CA ALA A 55 33.66 23.06 -23.71
C ALA A 55 34.49 22.54 -24.85
N ASN A 56 35.49 21.67 -24.54
CA ASN A 56 36.38 21.11 -25.60
C ASN A 56 35.86 19.77 -26.06
N LYS A 57 34.74 19.31 -25.45
CA LYS A 57 34.06 18.03 -25.92
C LYS A 57 32.74 18.39 -26.63
N GLN A 58 32.34 17.52 -27.52
CA GLN A 58 31.02 17.71 -28.24
C GLN A 58 30.11 16.59 -27.89
N PHE A 59 28.83 16.89 -27.80
CA PHE A 59 27.83 15.89 -27.38
C PHE A 59 26.78 15.68 -28.45
N LEU A 60 26.36 14.48 -28.74
CA LEU A 60 25.50 14.20 -29.86
C LEU A 60 24.00 14.54 -29.58
N LEU A 61 23.45 15.43 -30.39
CA LEU A 61 22.05 15.83 -30.37
C LEU A 61 21.37 15.07 -31.50
N THR A 62 20.22 14.44 -31.17
N THR A 62 20.22 14.44 -31.19
CA THR A 62 19.50 13.67 -32.19
CA THR A 62 19.49 13.73 -32.26
C THR A 62 18.02 14.05 -32.15
C THR A 62 18.00 13.86 -32.15
N ASN A 63 17.38 13.93 -33.29
CA ASN A 63 15.90 13.88 -33.37
C ASN A 63 15.64 12.40 -33.57
N ASN A 64 15.03 11.72 -32.56
CA ASN A 64 14.75 10.30 -32.65
C ASN A 64 13.31 10.01 -33.08
N GLY A 65 12.59 11.01 -33.56
CA GLY A 65 11.23 10.84 -34.03
C GLY A 65 10.24 10.98 -32.89
N HIS A 66 10.71 11.10 -31.62
CA HIS A 66 9.83 11.24 -30.42
C HIS A 66 10.11 12.49 -29.68
N SER A 67 11.37 12.95 -29.67
CA SER A 67 11.80 14.14 -28.92
C SER A 67 13.13 14.60 -29.61
N VAL A 68 13.72 15.60 -29.07
CA VAL A 68 15.11 15.96 -29.31
C VAL A 68 15.89 15.50 -28.08
N LYS A 69 16.94 14.73 -28.30
N LYS A 69 16.97 14.76 -28.30
CA LYS A 69 17.76 14.18 -27.21
CA LYS A 69 17.74 14.13 -27.23
C LYS A 69 19.22 14.54 -27.34
C LYS A 69 19.21 14.54 -27.34
N LEU A 70 19.81 14.88 -26.21
CA LEU A 70 21.25 15.15 -26.09
C LEU A 70 21.89 14.06 -25.30
N ASN A 71 22.89 13.38 -25.90
CA ASN A 71 23.66 12.39 -25.18
C ASN A 71 24.52 13.04 -24.12
N LEU A 72 24.67 12.36 -23.01
CA LEU A 72 25.44 12.92 -21.89
C LEU A 72 26.47 11.87 -21.47
N PRO A 73 27.63 12.32 -20.88
CA PRO A 73 28.67 11.36 -20.55
C PRO A 73 28.46 10.68 -19.17
N SER A 74 29.05 9.48 -18.97
CA SER A 74 28.71 8.74 -17.76
C SER A 74 29.55 9.27 -16.58
N ASP A 75 30.49 10.23 -16.75
CA ASP A 75 31.13 10.82 -15.58
C ASP A 75 30.24 11.90 -14.92
N MET A 76 29.20 12.32 -15.63
CA MET A 76 28.21 13.22 -15.06
C MET A 76 27.26 12.39 -14.16
N HIS A 77 27.02 12.81 -12.95
CA HIS A 77 26.17 11.94 -12.09
C HIS A 77 25.56 12.79 -10.99
N ILE A 78 24.53 12.13 -10.39
CA ILE A 78 23.86 12.59 -9.15
C ILE A 78 24.51 11.92 -7.99
N GLN A 79 24.78 12.71 -6.97
CA GLN A 79 25.24 12.17 -5.70
C GLN A 79 24.10 12.57 -4.70
N GLY A 80 23.86 11.67 -3.79
CA GLY A 80 22.86 11.86 -2.69
C GLY A 80 21.77 10.78 -2.62
N LEU A 81 21.64 9.98 -3.64
CA LEU A 81 20.73 8.83 -3.66
C LEU A 81 21.46 7.61 -3.11
N GLN A 82 20.72 6.53 -2.90
CA GLN A 82 21.31 5.29 -2.35
C GLN A 82 22.54 4.86 -3.15
N SER A 83 22.41 4.90 -4.47
CA SER A 83 23.45 4.53 -5.37
C SER A 83 23.80 5.75 -6.20
N ARG A 84 24.94 5.68 -6.86
CA ARG A 84 25.28 6.73 -7.82
C ARG A 84 24.44 6.44 -9.10
N TYR A 85 23.85 7.57 -9.61
CA TYR A 85 23.14 7.49 -10.87
C TYR A 85 23.88 8.37 -11.88
N SER A 86 24.35 7.78 -12.95
CA SER A 86 25.17 8.49 -13.93
C SER A 86 24.32 8.92 -15.14
N ALA A 87 24.60 10.05 -15.72
CA ALA A 87 23.78 10.56 -16.79
C ALA A 87 23.91 9.74 -18.00
N THR A 88 22.83 9.68 -18.81
CA THR A 88 22.88 9.08 -20.12
C THR A 88 22.32 9.97 -21.21
N GLN A 89 21.24 10.75 -20.98
CA GLN A 89 20.71 11.65 -22.02
C GLN A 89 19.76 12.61 -21.37
N LEU A 90 19.50 13.73 -22.05
CA LEU A 90 18.37 14.59 -21.71
C LEU A 90 17.52 14.78 -22.92
N HIS A 91 16.24 15.15 -22.71
CA HIS A 91 15.31 15.40 -23.78
C HIS A 91 14.13 16.21 -23.25
N LEU A 92 13.24 16.61 -24.15
CA LEU A 92 12.14 17.46 -23.73
C LEU A 92 10.77 16.95 -24.22
N HIS A 93 9.72 17.49 -23.60
CA HIS A 93 8.33 17.23 -24.02
C HIS A 93 7.63 18.58 -24.07
N TRP A 94 6.74 18.76 -25.07
CA TRP A 94 6.06 20.03 -25.25
C TRP A 94 4.72 19.81 -25.93
N GLY A 95 3.95 20.92 -26.03
CA GLY A 95 2.60 20.95 -26.58
C GLY A 95 2.64 21.43 -28.02
N ASN A 96 1.88 22.51 -28.28
CA ASN A 96 1.87 23.05 -29.64
C ASN A 96 1.40 24.50 -29.50
N PRO A 97 1.60 25.34 -30.59
CA PRO A 97 1.34 26.76 -30.41
C PRO A 97 -0.11 27.08 -30.08
N ASN A 98 -1.05 26.23 -30.52
CA ASN A 98 -2.49 26.51 -30.19
C ASN A 98 -2.84 26.05 -28.79
N ASP A 99 -2.00 25.25 -28.12
CA ASP A 99 -2.28 24.84 -26.79
C ASP A 99 -0.95 24.56 -26.13
N PRO A 100 -0.24 25.60 -25.71
CA PRO A 100 1.19 25.53 -25.38
C PRO A 100 1.41 25.08 -23.92
N HIS A 101 0.89 23.88 -23.63
CA HIS A 101 0.81 23.33 -22.25
C HIS A 101 1.14 21.90 -22.22
N GLY A 102 2.39 21.54 -22.58
CA GLY A 102 2.79 20.17 -22.90
C GLY A 102 3.76 19.57 -21.91
N SER A 103 3.82 20.04 -20.63
CA SER A 103 4.56 19.25 -19.63
C SER A 103 3.91 17.89 -19.46
N GLU A 104 4.65 16.95 -18.96
CA GLU A 104 4.06 15.63 -18.64
C GLU A 104 3.49 15.61 -17.22
N HIS A 105 4.27 15.96 -16.21
CA HIS A 105 3.67 16.14 -14.89
C HIS A 105 2.82 17.37 -14.88
N THR A 106 1.80 17.37 -14.04
CA THR A 106 0.97 18.55 -13.76
C THR A 106 1.08 18.82 -12.28
N VAL A 107 0.74 20.10 -11.90
CA VAL A 107 0.77 20.52 -10.55
C VAL A 107 -0.64 21.08 -10.22
N SER A 108 -1.36 20.43 -9.32
CA SER A 108 -2.73 20.84 -9.03
C SER A 108 -3.54 20.94 -10.31
N GLY A 109 -3.35 19.93 -11.16
CA GLY A 109 -4.10 19.78 -12.38
C GLY A 109 -3.60 20.63 -13.52
N GLN A 110 -2.60 21.51 -13.33
CA GLN A 110 -2.13 22.39 -14.36
C GLN A 110 -0.84 21.92 -15.06
N HIS A 111 -0.87 21.94 -16.40
CA HIS A 111 0.34 21.74 -17.16
C HIS A 111 1.21 22.95 -17.15
N PHE A 112 2.49 22.76 -17.28
CA PHE A 112 3.46 23.83 -17.63
C PHE A 112 3.62 23.76 -19.15
N ALA A 113 4.34 24.73 -19.71
CA ALA A 113 4.50 24.78 -21.16
C ALA A 113 5.25 23.57 -21.69
N ALA A 114 6.30 23.14 -20.95
CA ALA A 114 7.15 22.03 -21.47
C ALA A 114 7.82 21.41 -20.24
N GLU A 115 8.59 20.38 -20.51
CA GLU A 115 9.28 19.70 -19.40
C GLU A 115 10.58 19.10 -19.92
N LEU A 116 11.67 19.29 -19.18
CA LEU A 116 12.99 18.69 -19.50
C LEU A 116 13.18 17.51 -18.57
N HIS A 117 13.69 16.41 -19.17
CA HIS A 117 14.08 15.22 -18.39
C HIS A 117 15.53 14.96 -18.59
N ILE A 118 16.26 14.84 -17.49
CA ILE A 118 17.69 14.46 -17.52
C ILE A 118 17.73 13.03 -16.92
N VAL A 119 17.98 12.09 -17.83
CA VAL A 119 17.86 10.63 -17.48
C VAL A 119 19.24 10.15 -17.02
N HIS A 120 19.22 9.42 -15.90
CA HIS A 120 20.40 8.80 -15.30
C HIS A 120 20.12 7.35 -15.06
N TYR A 121 21.19 6.54 -14.97
CA TYR A 121 21.05 5.13 -14.67
C TYR A 121 21.94 4.70 -13.52
N ASN A 122 21.54 3.63 -12.83
CA ASN A 122 22.29 3.20 -11.61
C ASN A 122 23.57 2.48 -12.03
N SER A 123 24.66 3.23 -12.11
CA SER A 123 25.92 2.76 -12.52
C SER A 123 26.62 1.93 -11.42
N ASP A 124 26.16 2.02 -10.18
CA ASP A 124 26.75 1.12 -9.12
C ASP A 124 26.28 -0.28 -9.36
N LEU A 125 25.08 -0.46 -9.87
CA LEU A 125 24.46 -1.84 -9.97
C LEU A 125 24.55 -2.35 -11.37
N TYR A 126 24.58 -1.47 -12.40
CA TYR A 126 24.53 -1.88 -13.77
C TYR A 126 25.58 -1.26 -14.70
N PRO A 127 25.90 -1.90 -15.81
CA PRO A 127 27.05 -1.51 -16.63
C PRO A 127 26.75 -0.41 -17.56
N ASP A 128 25.45 -0.19 -17.92
CA ASP A 128 25.10 0.82 -18.83
C ASP A 128 23.55 1.08 -18.74
N ALA A 129 23.11 2.15 -19.40
CA ALA A 129 21.77 2.57 -19.24
C ALA A 129 20.77 1.55 -19.86
N SER A 130 21.16 1.03 -20.99
CA SER A 130 20.24 0.06 -21.61
C SER A 130 19.95 -1.15 -20.68
N THR A 131 21.03 -1.66 -20.10
CA THR A 131 20.87 -2.84 -19.21
C THR A 131 20.04 -2.37 -17.98
N ALA A 132 20.32 -1.17 -17.44
CA ALA A 132 19.60 -0.74 -16.18
C ALA A 132 18.13 -0.55 -16.41
N SER A 133 17.74 -0.22 -17.63
CA SER A 133 16.36 0.36 -17.79
C SER A 133 15.23 -0.50 -17.45
N ASN A 134 15.38 -1.82 -17.47
CA ASN A 134 14.31 -2.75 -17.17
C ASN A 134 14.58 -3.44 -15.80
N LYS A 135 15.44 -2.88 -14.98
CA LYS A 135 15.88 -3.53 -13.73
C LYS A 135 15.55 -2.71 -12.51
N SER A 136 15.42 -3.39 -11.41
CA SER A 136 15.17 -2.77 -10.08
C SER A 136 16.19 -1.62 -9.83
N GLU A 137 15.63 -0.51 -9.40
CA GLU A 137 16.45 0.71 -9.09
C GLU A 137 17.27 1.20 -10.25
N GLY A 138 16.77 0.92 -11.47
CA GLY A 138 17.61 1.10 -12.64
C GLY A 138 17.84 2.55 -13.03
N LEU A 139 16.83 3.43 -12.91
CA LEU A 139 16.89 4.79 -13.49
C LEU A 139 16.46 5.85 -12.49
N ALA A 140 16.98 7.07 -12.71
CA ALA A 140 16.57 8.23 -11.96
C ALA A 140 16.47 9.35 -12.98
N VAL A 141 15.36 10.10 -12.92
CA VAL A 141 15.17 11.23 -13.86
C VAL A 141 15.01 12.47 -13.03
N LEU A 142 15.70 13.56 -13.50
CA LEU A 142 15.44 14.92 -12.96
C LEU A 142 14.50 15.57 -13.95
N ALA A 143 13.40 16.10 -13.43
CA ALA A 143 12.39 16.79 -14.33
C ALA A 143 12.35 18.25 -13.93
N VAL A 144 12.46 19.10 -14.97
CA VAL A 144 12.34 20.54 -14.79
C VAL A 144 11.12 21.00 -15.57
N LEU A 145 10.21 21.68 -14.87
CA LEU A 145 9.04 22.27 -15.49
C LEU A 145 9.42 23.60 -16.11
N ILE A 146 8.89 23.88 -17.30
CA ILE A 146 9.29 25.06 -18.08
C ILE A 146 8.04 25.87 -18.37
N GLU A 147 8.15 27.19 -18.16
CA GLU A 147 7.05 28.12 -18.44
C GLU A 147 7.60 29.24 -19.29
N MET A 148 6.73 29.94 -20.04
N MET A 148 6.63 30.01 -19.84
CA MET A 148 7.18 31.06 -20.86
CA MET A 148 6.97 31.14 -20.63
C MET A 148 7.45 32.27 -19.89
C MET A 148 7.47 32.31 -19.72
N GLY A 149 8.52 33.01 -20.13
CA GLY A 149 8.91 34.23 -19.37
C GLY A 149 10.10 34.82 -20.04
N SER A 150 11.15 35.00 -19.27
N SER A 150 11.13 35.24 -19.32
CA SER A 150 12.40 35.53 -19.75
CA SER A 150 12.27 35.88 -19.94
C SER A 150 13.16 34.70 -20.79
C SER A 150 13.08 34.87 -20.73
N PHE A 151 13.81 35.39 -21.74
CA PHE A 151 14.82 34.61 -22.53
C PHE A 151 15.79 33.87 -21.63
N ASN A 152 16.13 32.64 -22.04
CA ASN A 152 17.02 31.85 -21.19
C ASN A 152 18.24 31.46 -22.11
N PRO A 153 19.42 32.12 -21.86
CA PRO A 153 20.58 31.82 -22.69
C PRO A 153 21.05 30.37 -22.54
N SER A 154 20.80 29.76 -21.36
CA SER A 154 21.32 28.39 -21.18
C SER A 154 20.51 27.37 -22.03
N TYR A 155 19.17 27.53 -22.01
CA TYR A 155 18.41 26.64 -22.93
C TYR A 155 18.69 26.91 -24.36
N ASP A 156 19.12 28.13 -24.68
CA ASP A 156 19.47 28.47 -26.07
C ASP A 156 20.72 27.65 -26.54
N LYS A 157 21.53 27.17 -25.60
CA LYS A 157 22.72 26.34 -25.96
C LYS A 157 22.25 25.05 -26.57
N ILE A 158 20.99 24.62 -26.29
CA ILE A 158 20.40 23.45 -27.01
C ILE A 158 19.61 23.99 -28.20
N PHE A 159 18.67 24.90 -27.89
CA PHE A 159 17.75 25.36 -28.97
C PHE A 159 18.34 25.91 -30.19
N SER A 160 19.55 26.51 -30.09
CA SER A 160 20.22 27.08 -31.34
C SER A 160 20.64 25.97 -32.28
N HIS A 161 20.64 24.67 -31.84
CA HIS A 161 20.97 23.59 -32.73
C HIS A 161 19.75 22.89 -33.31
N LEU A 162 18.52 23.33 -32.95
CA LEU A 162 17.37 22.58 -33.46
C LEU A 162 17.29 22.59 -34.96
N GLN A 163 17.77 23.67 -35.64
CA GLN A 163 17.84 23.77 -37.10
C GLN A 163 18.49 22.60 -37.74
N HIS A 164 19.44 22.00 -37.06
CA HIS A 164 20.26 20.89 -37.69
C HIS A 164 19.72 19.56 -37.35
N VAL A 165 18.63 19.47 -36.54
CA VAL A 165 18.04 18.17 -36.23
C VAL A 165 16.52 18.17 -36.55
N LYS A 166 16.15 18.86 -37.65
CA LYS A 166 14.80 19.04 -38.01
C LYS A 166 14.02 17.71 -38.21
N TYR A 167 14.63 16.69 -38.80
CA TYR A 167 13.91 15.44 -39.21
C TYR A 167 14.40 14.23 -38.49
N LYS A 168 13.52 13.23 -38.40
CA LYS A 168 13.92 12.05 -37.63
C LYS A 168 15.20 11.47 -38.20
N GLY A 169 16.11 11.09 -37.30
CA GLY A 169 17.35 10.54 -37.73
C GLY A 169 18.51 11.49 -37.81
N GLN A 170 18.25 12.77 -37.90
CA GLN A 170 19.27 13.73 -38.10
C GLN A 170 19.99 13.94 -36.73
N GLU A 171 21.28 14.33 -36.79
N GLU A 171 21.23 14.49 -36.84
CA GLU A 171 22.23 14.33 -35.68
CA GLU A 171 22.13 14.68 -35.71
C GLU A 171 23.07 15.56 -35.80
C GLU A 171 22.82 15.95 -35.81
N ALA A 172 23.36 16.31 -34.70
CA ALA A 172 24.23 17.47 -34.68
C ALA A 172 25.11 17.32 -33.41
N PHE A 173 26.09 18.19 -33.29
CA PHE A 173 27.02 18.22 -32.13
C PHE A 173 26.89 19.50 -31.33
N VAL A 174 26.70 19.35 -30.05
CA VAL A 174 26.62 20.50 -29.17
C VAL A 174 27.87 20.56 -28.29
N PRO A 175 28.58 21.69 -28.26
CA PRO A 175 29.73 21.77 -27.39
C PRO A 175 29.33 21.68 -25.94
N GLY A 176 30.17 21.17 -25.10
CA GLY A 176 29.86 21.07 -23.74
C GLY A 176 29.50 22.38 -23.14
N PHE A 177 28.52 22.38 -22.24
CA PHE A 177 28.22 23.52 -21.41
C PHE A 177 27.73 23.04 -20.06
N ASN A 178 27.53 23.93 -19.11
CA ASN A 178 27.19 23.48 -17.72
C ASN A 178 25.67 23.15 -17.68
N ILE A 179 25.34 21.88 -17.66
CA ILE A 179 23.95 21.41 -17.69
C ILE A 179 23.24 21.89 -16.41
N GLU A 180 23.93 22.20 -15.32
CA GLU A 180 23.28 22.68 -14.13
C GLU A 180 22.53 24.02 -14.42
N GLU A 181 22.99 24.72 -15.47
CA GLU A 181 22.28 25.96 -15.82
C GLU A 181 20.87 25.75 -16.26
N LEU A 182 20.52 24.49 -16.65
CA LEU A 182 19.16 24.16 -17.07
C LEU A 182 18.25 23.94 -15.87
N LEU A 183 18.78 23.82 -14.66
CA LEU A 183 18.00 23.56 -13.49
C LEU A 183 17.44 24.82 -12.90
N PRO A 184 16.33 24.77 -12.21
CA PRO A 184 15.74 25.94 -11.62
C PRO A 184 16.38 26.39 -10.42
N GLU A 185 15.76 27.46 -9.86
CA GLU A 185 16.12 27.92 -8.48
C GLU A 185 15.73 26.91 -7.46
N ARG A 186 16.55 26.96 -6.39
CA ARG A 186 16.26 26.15 -5.25
C ARG A 186 16.02 24.74 -5.58
N THR A 187 17.03 24.14 -6.13
CA THR A 187 16.88 22.71 -6.40
C THR A 187 16.72 21.88 -5.15
N ALA A 188 16.96 22.42 -3.98
CA ALA A 188 16.62 21.69 -2.75
C ALA A 188 15.16 21.33 -2.63
N GLU A 189 14.28 22.07 -3.32
CA GLU A 189 12.83 21.91 -3.20
C GLU A 189 12.37 20.98 -4.41
N TYR A 190 11.85 19.79 -4.07
CA TYR A 190 11.44 18.85 -5.13
C TYR A 190 10.42 17.88 -4.62
N TYR A 191 9.69 17.29 -5.59
CA TYR A 191 8.80 16.18 -5.41
C TYR A 191 9.50 14.85 -5.76
N ARG A 192 9.22 13.80 -5.04
CA ARG A 192 9.89 12.52 -5.27
C ARG A 192 8.92 11.40 -5.22
N TYR A 193 8.96 10.51 -6.20
CA TYR A 193 8.08 9.30 -6.17
C TYR A 193 8.70 8.27 -7.07
N ARG A 194 8.28 7.02 -6.87
CA ARG A 194 8.71 5.91 -7.75
C ARG A 194 7.73 5.76 -8.89
N GLY A 195 8.22 5.75 -10.11
CA GLY A 195 7.36 5.60 -11.27
C GLY A 195 8.01 4.92 -12.40
N SER A 196 7.74 5.36 -13.62
CA SER A 196 8.08 4.65 -14.80
C SER A 196 8.64 5.57 -15.88
N LEU A 197 9.22 4.97 -16.93
CA LEU A 197 9.40 5.70 -18.16
C LEU A 197 8.02 6.26 -18.59
N THR A 198 7.97 7.46 -19.16
CA THR A 198 6.74 8.00 -19.68
C THR A 198 6.57 7.70 -21.15
N THR A 199 7.52 6.98 -21.75
CA THR A 199 7.45 6.53 -23.11
C THR A 199 7.57 4.97 -23.08
N PRO A 200 7.14 4.30 -24.15
CA PRO A 200 7.51 2.89 -24.28
C PRO A 200 9.01 2.73 -24.04
N PRO A 201 9.44 1.65 -23.40
CA PRO A 201 8.58 0.52 -22.93
C PRO A 201 7.90 0.72 -21.59
N CYS A 202 7.92 1.90 -20.98
CA CYS A 202 7.16 2.22 -19.79
C CYS A 202 7.59 1.44 -18.58
N ASN A 203 8.88 0.99 -18.56
CA ASN A 203 9.30 0.21 -17.44
C ASN A 203 9.13 0.90 -16.13
N PRO A 204 8.70 0.21 -15.06
CA PRO A 204 8.44 0.81 -13.74
C PRO A 204 9.68 0.93 -12.90
N THR A 205 10.74 1.55 -13.44
CA THR A 205 12.09 1.45 -12.92
C THR A 205 12.69 2.87 -12.65
N VAL A 206 11.83 3.91 -12.60
CA VAL A 206 12.35 5.29 -12.45
C VAL A 206 12.11 5.86 -11.11
N LEU A 207 13.14 6.39 -10.46
CA LEU A 207 12.99 7.26 -9.34
C LEU A 207 12.88 8.67 -9.83
N TRP A 208 11.70 9.26 -9.69
CA TRP A 208 11.46 10.62 -10.21
C TRP A 208 11.79 11.68 -9.19
N THR A 209 12.45 12.73 -9.66
CA THR A 209 12.67 13.97 -8.89
C THR A 209 12.16 15.10 -9.77
N VAL A 210 11.04 15.73 -9.34
CA VAL A 210 10.48 16.84 -10.12
C VAL A 210 10.74 18.11 -9.32
N PHE A 211 11.53 19.01 -9.84
CA PHE A 211 11.82 20.24 -9.05
C PHE A 211 10.58 21.06 -8.85
N ARG A 212 10.43 21.65 -7.65
CA ARG A 212 9.26 22.45 -7.38
C ARG A 212 9.15 23.69 -8.24
N ASN A 213 10.28 24.34 -8.47
CA ASN A 213 10.19 25.65 -9.16
C ASN A 213 10.45 25.46 -10.63
N PRO A 214 9.70 26.15 -11.52
CA PRO A 214 9.93 26.05 -12.93
C PRO A 214 11.14 26.95 -13.40
N VAL A 215 11.58 26.74 -14.60
CA VAL A 215 12.43 27.70 -15.27
C VAL A 215 11.57 28.45 -16.30
N GLN A 216 12.07 29.62 -16.71
N GLN A 216 12.18 29.46 -16.90
CA GLN A 216 11.55 30.34 -17.95
CA GLN A 216 11.46 30.30 -17.87
C GLN A 216 12.32 30.29 -19.17
C GLN A 216 12.25 30.37 -19.11
N ILE A 217 11.57 30.26 -20.28
CA ILE A 217 12.18 30.51 -21.60
C ILE A 217 11.28 31.52 -22.30
N SER A 218 11.81 32.19 -23.33
CA SER A 218 10.99 33.27 -23.90
C SER A 218 9.87 32.65 -24.77
N GLN A 219 8.93 33.52 -25.13
CA GLN A 219 7.87 33.12 -26.05
C GLN A 219 8.48 32.64 -27.40
N GLU A 220 9.51 33.28 -27.90
CA GLU A 220 10.14 32.91 -29.13
C GLU A 220 10.85 31.53 -28.91
N GLN A 221 11.50 31.31 -27.76
CA GLN A 221 12.17 30.00 -27.57
C GLN A 221 11.14 28.89 -27.53
N LEU A 222 10.05 29.08 -26.85
CA LEU A 222 9.01 28.02 -26.73
C LEU A 222 8.43 27.74 -28.10
N LEU A 223 8.20 28.82 -28.91
CA LEU A 223 7.62 28.60 -30.23
C LEU A 223 8.65 27.85 -31.10
N ALA A 224 9.97 28.17 -30.97
CA ALA A 224 10.97 27.44 -31.78
C ALA A 224 10.94 25.95 -31.39
N LEU A 225 10.84 25.65 -30.11
CA LEU A 225 10.81 24.24 -29.72
C LEU A 225 9.57 23.55 -30.28
N GLU A 226 8.42 24.26 -30.27
CA GLU A 226 7.20 23.65 -30.73
C GLU A 226 7.11 23.49 -32.25
N THR A 227 7.92 24.26 -33.01
CA THR A 227 7.70 24.28 -34.48
C THR A 227 8.96 23.85 -35.24
N ALA A 228 10.10 23.57 -34.57
CA ALA A 228 11.34 23.30 -35.30
C ALA A 228 11.40 21.89 -35.83
N LEU A 229 10.70 20.92 -35.22
CA LEU A 229 11.01 19.51 -35.49
C LEU A 229 9.90 18.77 -36.11
N TYR A 230 10.22 17.71 -36.83
CA TYR A 230 9.27 16.87 -37.45
C TYR A 230 9.51 15.40 -36.90
N CYS A 231 8.45 14.60 -36.76
CA CYS A 231 8.72 13.27 -36.27
C CYS A 231 8.99 12.26 -37.42
N THR A 232 8.88 12.76 -38.64
CA THR A 232 9.08 12.00 -39.84
C THR A 232 10.53 12.24 -40.42
N HIS A 233 10.96 11.27 -41.22
CA HIS A 233 12.23 11.36 -41.95
C HIS A 233 12.06 12.43 -43.08
N MET A 234 13.18 13.01 -43.45
CA MET A 234 13.17 14.13 -44.36
C MET A 234 12.45 13.82 -45.65
N ASP A 235 12.59 12.60 -46.18
CA ASP A 235 12.03 12.39 -47.54
C ASP A 235 10.67 11.71 -47.41
N ASP A 236 10.02 11.71 -46.23
CA ASP A 236 8.65 11.18 -46.11
C ASP A 236 7.75 12.09 -46.93
N PRO A 237 6.95 11.52 -47.84
CA PRO A 237 6.09 12.41 -48.54
C PRO A 237 4.87 12.93 -47.74
N SER A 238 4.65 12.43 -46.48
CA SER A 238 3.51 12.89 -45.61
C SER A 238 4.16 13.38 -44.28
N PRO A 239 4.79 14.58 -44.26
CA PRO A 239 5.54 15.01 -43.06
C PRO A 239 4.59 15.26 -41.92
N ARG A 240 5.08 15.06 -40.71
CA ARG A 240 4.27 15.30 -39.47
C ARG A 240 5.15 16.10 -38.52
N GLU A 241 4.64 17.21 -38.05
CA GLU A 241 5.32 18.08 -37.11
C GLU A 241 5.36 17.34 -35.75
N MET A 242 6.47 17.54 -35.00
CA MET A 242 6.62 16.92 -33.69
C MET A 242 6.08 17.89 -32.68
N ILE A 243 4.87 17.61 -32.21
CA ILE A 243 4.12 18.40 -31.28
C ILE A 243 3.42 17.48 -30.28
N ASN A 244 3.00 18.02 -29.13
CA ASN A 244 2.16 17.25 -28.20
C ASN A 244 2.81 15.89 -27.86
N ASN A 245 4.12 15.88 -27.61
CA ASN A 245 4.86 14.64 -27.37
C ASN A 245 4.94 14.42 -25.86
N PHE A 246 3.82 14.41 -25.18
CA PHE A 246 3.73 14.15 -23.74
C PHE A 246 2.69 13.10 -23.54
N ARG A 247 2.84 12.32 -22.49
CA ARG A 247 1.81 11.29 -22.12
C ARG A 247 0.83 12.00 -21.20
N GLN A 248 -0.48 11.59 -21.27
CA GLN A 248 -1.46 12.00 -20.29
C GLN A 248 -1.08 11.48 -18.89
N VAL A 249 -1.57 12.17 -17.86
CA VAL A 249 -1.33 11.71 -16.50
C VAL A 249 -2.06 10.39 -16.25
N GLN A 250 -1.43 9.61 -15.38
CA GLN A 250 -1.89 8.29 -15.04
C GLN A 250 -2.61 8.30 -13.69
N LYS A 251 -3.47 7.31 -13.50
CA LYS A 251 -4.10 7.17 -12.15
C LYS A 251 -3.01 6.91 -11.14
N PHE A 252 -3.15 7.43 -9.92
CA PHE A 252 -2.16 7.32 -8.83
C PHE A 252 -3.00 7.25 -7.53
N ASP A 253 -3.35 6.09 -7.10
CA ASP A 253 -4.17 5.86 -5.85
C ASP A 253 -3.57 5.09 -4.85
N GLU A 254 -3.90 5.50 -3.66
CA GLU A 254 -3.43 4.91 -2.37
C GLU A 254 -1.91 5.10 -2.30
N ARG A 255 -1.43 6.25 -2.84
CA ARG A 255 0.07 6.54 -2.85
C ARG A 255 0.33 7.95 -2.52
N LEU A 256 1.53 8.23 -2.06
CA LEU A 256 1.94 9.60 -1.83
C LEU A 256 3.11 10.03 -2.73
N VAL A 257 3.18 11.33 -2.91
CA VAL A 257 4.40 11.93 -3.44
C VAL A 257 5.08 12.62 -2.30
N TYR A 258 6.34 12.32 -2.14
CA TYR A 258 7.08 12.95 -1.02
C TYR A 258 7.67 14.23 -1.45
N THR A 259 7.73 15.18 -0.54
CA THR A 259 8.28 16.47 -0.84
C THR A 259 9.43 16.82 0.08
N SER A 260 10.42 17.53 -0.46
CA SER A 260 11.52 18.00 0.38
C SER A 260 11.24 19.33 1.04
N PHE A 261 10.05 19.88 0.80
CA PHE A 261 9.76 21.16 1.30
C PHE A 261 8.47 20.95 2.03
N SER A 262 8.31 21.73 3.13
CA SER A 262 6.93 21.64 3.73
C SER A 262 6.21 22.91 3.45
N GLN A 263 6.93 24.03 3.43
CA GLN A 263 6.33 25.33 3.17
C GLN A 263 5.83 25.42 1.73
N LYS B 3 -14.80 -8.40 -18.43
CA LYS B 3 -13.29 -8.38 -18.20
C LYS B 3 -12.72 -6.96 -17.84
N TRP B 4 -13.06 -5.94 -18.67
CA TRP B 4 -12.35 -4.70 -18.51
C TRP B 4 -12.67 -4.08 -17.19
N THR B 5 -11.76 -3.30 -16.67
CA THR B 5 -11.89 -2.64 -15.35
C THR B 5 -11.37 -1.20 -15.46
N TYR B 6 -11.32 -0.57 -14.32
CA TYR B 6 -10.71 0.72 -14.18
C TYR B 6 -9.38 0.67 -13.39
N PHE B 7 -8.89 -0.52 -13.02
CA PHE B 7 -7.71 -0.57 -12.15
C PHE B 7 -7.05 -1.90 -12.39
N GLY B 8 -5.74 -1.87 -12.52
CA GLY B 8 -4.95 -3.12 -12.56
C GLY B 8 -4.76 -3.54 -13.98
N PRO B 9 -4.44 -4.83 -14.24
CA PRO B 9 -4.06 -5.27 -15.56
C PRO B 9 -5.03 -5.05 -16.68
N ASP B 10 -6.33 -5.05 -16.33
CA ASP B 10 -7.36 -4.89 -17.35
C ASP B 10 -7.94 -3.46 -17.38
N GLY B 11 -7.21 -2.53 -16.78
CA GLY B 11 -7.62 -1.11 -16.75
C GLY B 11 -7.44 -0.39 -18.04
N GLU B 12 -7.62 0.96 -18.00
CA GLU B 12 -7.92 1.69 -19.22
C GLU B 12 -6.78 1.72 -20.22
N ASN B 13 -5.50 1.59 -19.77
CA ASN B 13 -4.41 1.59 -20.78
C ASN B 13 -4.43 0.31 -21.59
N SER B 14 -5.17 -0.70 -21.18
CA SER B 14 -5.25 -2.00 -21.83
C SER B 14 -6.57 -2.15 -22.57
N TRP B 15 -7.55 -1.29 -22.47
CA TRP B 15 -8.83 -1.51 -23.17
C TRP B 15 -8.63 -1.67 -24.62
N SER B 16 -7.74 -0.96 -25.27
CA SER B 16 -7.58 -1.03 -26.68
C SER B 16 -7.06 -2.43 -27.19
N LYS B 17 -6.58 -3.24 -26.33
CA LYS B 17 -6.19 -4.62 -26.72
C LYS B 17 -7.38 -5.41 -27.17
N LYS B 18 -8.57 -5.20 -26.60
CA LYS B 18 -9.78 -5.93 -26.93
C LYS B 18 -10.79 -5.03 -27.67
N TYR B 19 -10.69 -3.71 -27.52
CA TYR B 19 -11.70 -2.76 -28.00
C TYR B 19 -11.00 -1.72 -28.81
N PRO B 20 -10.76 -1.98 -30.12
CA PRO B 20 -9.88 -1.11 -30.88
C PRO B 20 -10.27 0.33 -30.86
N SER B 21 -11.58 0.68 -30.80
CA SER B 21 -11.92 2.07 -30.83
C SER B 21 -11.40 2.84 -29.60
N CYS B 22 -11.09 2.20 -28.53
CA CYS B 22 -10.57 2.85 -27.36
C CYS B 22 -9.19 3.43 -27.62
N GLY B 23 -8.49 3.00 -28.72
CA GLY B 23 -7.28 3.55 -29.18
C GLY B 23 -7.40 4.41 -30.37
N GLY B 24 -8.64 4.74 -30.79
CA GLY B 24 -8.82 5.47 -31.96
C GLY B 24 -9.06 6.92 -31.74
N LEU B 25 -9.65 7.54 -32.73
CA LEU B 25 -9.81 9.00 -32.58
C LEU B 25 -11.09 9.38 -31.84
N LEU B 26 -11.22 10.66 -31.47
CA LEU B 26 -12.41 11.27 -30.97
C LEU B 26 -12.75 10.74 -29.59
N GLN B 27 -11.79 10.40 -28.77
CA GLN B 27 -12.08 9.82 -27.46
C GLN B 27 -12.49 10.84 -26.43
N SER B 28 -13.34 10.36 -25.54
CA SER B 28 -13.78 11.12 -24.35
C SER B 28 -13.34 10.39 -23.08
N PRO B 29 -13.30 11.04 -21.91
CA PRO B 29 -13.58 12.48 -21.66
C PRO B 29 -12.36 13.29 -21.95
N ILE B 30 -12.54 14.62 -21.81
CA ILE B 30 -11.47 15.62 -22.05
C ILE B 30 -11.49 16.62 -20.97
N ASP B 31 -10.37 17.39 -20.88
CA ASP B 31 -10.26 18.56 -20.03
C ASP B 31 -10.80 19.74 -20.73
N LEU B 32 -11.73 20.42 -20.16
CA LEU B 32 -12.40 21.62 -20.77
C LEU B 32 -11.57 22.80 -20.28
N HIS B 33 -10.74 23.41 -21.16
CA HIS B 33 -9.84 24.54 -20.69
C HIS B 33 -9.80 25.51 -21.84
N SER B 34 -9.40 26.75 -21.48
CA SER B 34 -9.62 27.99 -22.34
C SER B 34 -9.05 27.78 -23.72
N ASP B 35 -7.85 27.16 -23.87
CA ASP B 35 -7.23 27.14 -25.23
C ASP B 35 -7.99 26.46 -26.23
N ILE B 36 -8.93 25.56 -25.84
CA ILE B 36 -9.62 24.79 -26.80
C ILE B 36 -11.15 25.11 -26.88
N LEU B 37 -11.55 26.16 -26.18
CA LEU B 37 -12.99 26.59 -26.14
C LEU B 37 -13.23 27.60 -27.22
N GLN B 38 -14.42 27.57 -27.82
CA GLN B 38 -14.82 28.64 -28.73
C GLN B 38 -16.32 28.84 -28.66
N TYR B 39 -16.74 30.07 -28.43
CA TYR B 39 -18.14 30.34 -28.36
C TYR B 39 -18.79 30.10 -29.74
N ASP B 40 -19.97 29.54 -29.72
CA ASP B 40 -20.78 29.31 -30.91
C ASP B 40 -22.15 29.76 -30.65
N ALA B 41 -22.58 30.88 -31.24
CA ALA B 41 -23.91 31.40 -31.02
C ALA B 41 -25.01 30.50 -31.59
N SER B 42 -24.71 29.46 -32.43
N SER B 42 -24.76 29.52 -32.44
CA SER B 42 -25.69 28.51 -32.90
CA SER B 42 -25.84 28.72 -32.83
C SER B 42 -26.05 27.43 -31.88
C SER B 42 -26.26 27.70 -31.77
N LEU B 43 -25.43 27.49 -30.72
CA LEU B 43 -25.75 26.50 -29.64
C LEU B 43 -26.88 27.01 -28.81
N THR B 44 -28.10 26.80 -29.32
CA THR B 44 -29.31 27.33 -28.68
C THR B 44 -29.80 26.38 -27.56
N PRO B 45 -30.71 26.79 -26.72
CA PRO B 45 -31.10 25.95 -25.54
C PRO B 45 -31.73 24.62 -25.90
N LEU B 46 -31.40 23.57 -25.15
CA LEU B 46 -32.13 22.36 -25.25
C LEU B 46 -33.42 22.37 -24.44
N GLU B 47 -34.39 21.59 -24.89
CA GLU B 47 -35.60 21.41 -24.10
C GLU B 47 -35.70 19.89 -23.72
N PHE B 48 -36.10 19.67 -22.51
CA PHE B 48 -36.11 18.32 -21.93
C PHE B 48 -37.56 17.88 -21.85
N GLN B 49 -37.95 16.94 -22.67
CA GLN B 49 -39.37 16.57 -22.79
C GLN B 49 -39.60 15.20 -22.20
N GLY B 50 -40.66 15.05 -21.43
CA GLY B 50 -41.02 13.73 -20.86
C GLY B 50 -40.00 13.32 -19.79
N TYR B 51 -39.27 14.29 -19.21
CA TYR B 51 -38.37 13.95 -18.11
C TYR B 51 -39.05 13.81 -16.74
N ASN B 52 -40.33 14.28 -16.66
CA ASN B 52 -41.03 14.17 -15.39
C ASN B 52 -41.73 12.83 -15.36
N LEU B 53 -40.99 11.84 -14.93
CA LEU B 53 -41.52 10.43 -15.02
C LEU B 53 -42.54 10.23 -13.86
N SER B 54 -43.60 9.50 -14.18
CA SER B 54 -44.65 9.34 -13.18
C SER B 54 -44.16 8.59 -11.96
N ALA B 55 -44.45 9.11 -10.73
CA ALA B 55 -44.14 8.45 -9.46
C ALA B 55 -44.92 7.16 -9.28
N ASN B 56 -45.96 6.93 -10.11
CA ASN B 56 -46.74 5.72 -9.96
C ASN B 56 -46.21 4.64 -10.90
N LYS B 57 -45.22 4.94 -11.74
CA LYS B 57 -44.53 3.99 -12.55
C LYS B 57 -43.15 3.68 -11.93
N GLN B 58 -42.55 2.58 -12.41
CA GLN B 58 -41.20 2.10 -11.88
C GLN B 58 -40.28 2.02 -13.05
N PHE B 59 -39.01 2.17 -12.72
CA PHE B 59 -37.95 2.17 -13.72
C PHE B 59 -36.80 1.30 -13.18
N LEU B 60 -36.23 0.51 -14.07
CA LEU B 60 -35.28 -0.52 -13.58
C LEU B 60 -33.89 0.03 -13.40
N LEU B 61 -33.37 -0.16 -12.19
CA LEU B 61 -32.06 0.18 -11.75
C LEU B 61 -31.18 -1.09 -11.81
N THR B 62 -29.99 -1.04 -12.39
CA THR B 62 -29.20 -2.29 -12.48
C THR B 62 -27.72 -1.90 -12.17
N ASN B 63 -27.01 -2.82 -11.50
CA ASN B 63 -25.56 -2.81 -11.43
C ASN B 63 -25.00 -3.59 -12.55
N ASN B 64 -24.41 -2.94 -13.50
CA ASN B 64 -23.96 -3.65 -14.67
C ASN B 64 -22.46 -4.07 -14.59
N GLY B 65 -21.88 -4.03 -13.39
CA GLY B 65 -20.49 -4.43 -13.20
C GLY B 65 -19.55 -3.26 -13.40
N HIS B 66 -20.01 -2.11 -13.89
CA HIS B 66 -19.15 -0.93 -14.17
C HIS B 66 -19.67 0.37 -13.68
N SER B 67 -20.99 0.45 -13.41
CA SER B 67 -21.66 1.64 -12.85
C SER B 67 -22.99 1.15 -12.34
N VAL B 68 -23.78 2.08 -11.85
CA VAL B 68 -25.17 1.82 -11.59
C VAL B 68 -25.94 2.60 -12.69
N LYS B 69 -26.86 1.89 -13.34
CA LYS B 69 -27.65 2.53 -14.38
C LYS B 69 -29.17 2.39 -14.20
N LEU B 70 -29.85 3.45 -14.57
CA LEU B 70 -31.33 3.53 -14.47
C LEU B 70 -31.81 3.51 -15.91
N ASN B 71 -32.67 2.55 -16.25
CA ASN B 71 -33.28 2.52 -17.64
C ASN B 71 -34.32 3.63 -17.72
N LEU B 72 -34.38 4.27 -18.86
CA LEU B 72 -35.27 5.40 -19.10
C LEU B 72 -36.18 5.08 -20.28
N PRO B 73 -37.40 5.67 -20.29
CA PRO B 73 -38.35 5.34 -21.33
C PRO B 73 -38.06 6.20 -22.61
N SER B 74 -38.41 5.64 -23.73
CA SER B 74 -38.06 6.36 -24.97
C SER B 74 -38.97 7.51 -25.27
N ASP B 75 -40.04 7.75 -24.52
CA ASP B 75 -40.86 8.93 -24.76
C ASP B 75 -40.07 10.13 -24.16
N MET B 76 -39.12 9.92 -23.27
CA MET B 76 -38.27 11.00 -22.73
C MET B 76 -37.30 11.40 -23.79
N HIS B 77 -37.18 12.67 -24.12
CA HIS B 77 -36.32 13.07 -25.23
C HIS B 77 -35.81 14.48 -25.07
N ILE B 78 -34.77 14.72 -25.89
CA ILE B 78 -34.26 16.09 -26.02
C ILE B 78 -34.86 16.65 -27.30
N GLN B 79 -35.25 17.91 -27.14
CA GLN B 79 -35.71 18.71 -28.37
C GLN B 79 -34.66 19.79 -28.53
N GLY B 80 -34.19 20.01 -29.77
CA GLY B 80 -33.29 21.12 -30.02
C GLY B 80 -32.08 20.70 -30.79
N LEU B 81 -31.79 19.39 -30.88
CA LEU B 81 -30.72 18.90 -31.72
C LEU B 81 -31.25 18.69 -33.15
N GLN B 82 -30.42 18.28 -34.09
CA GLN B 82 -30.93 18.16 -35.47
C GLN B 82 -31.81 16.91 -35.76
N SER B 83 -31.80 15.91 -34.83
CA SER B 83 -32.77 14.80 -34.83
C SER B 83 -33.33 14.82 -33.42
N ARG B 84 -34.41 14.11 -33.18
CA ARG B 84 -34.90 13.79 -31.87
C ARG B 84 -33.91 12.72 -31.29
N TYR B 85 -33.51 12.97 -30.04
CA TYR B 85 -32.68 11.96 -29.33
C TYR B 85 -33.52 11.54 -28.14
N SER B 86 -33.83 10.23 -28.05
CA SER B 86 -34.67 9.70 -26.96
C SER B 86 -33.78 9.02 -25.95
N ALA B 87 -34.24 9.17 -24.70
CA ALA B 87 -33.44 8.62 -23.57
C ALA B 87 -33.40 7.12 -23.63
N THR B 88 -32.31 6.55 -23.14
CA THR B 88 -32.18 5.11 -22.94
C THR B 88 -31.74 4.76 -21.53
N GLN B 89 -30.79 5.48 -20.93
CA GLN B 89 -30.35 5.14 -19.57
C GLN B 89 -29.59 6.31 -18.99
N LEU B 90 -29.48 6.35 -17.68
CA LEU B 90 -28.53 7.26 -17.04
C LEU B 90 -27.64 6.42 -16.13
N HIS B 91 -26.48 6.96 -15.81
CA HIS B 91 -25.54 6.25 -14.88
C HIS B 91 -24.57 7.31 -14.37
N LEU B 92 -23.70 6.86 -13.46
CA LEU B 92 -22.76 7.79 -12.82
C LEU B 92 -21.34 7.27 -12.86
N HIS B 93 -20.39 8.17 -12.58
CA HIS B 93 -18.98 7.89 -12.37
C HIS B 93 -18.53 8.60 -11.15
N TRP B 94 -17.66 7.97 -10.35
CA TRP B 94 -17.28 8.53 -9.05
C TRP B 94 -15.92 8.00 -8.67
N GLY B 95 -15.45 8.55 -7.51
CA GLY B 95 -14.09 8.27 -6.97
C GLY B 95 -14.17 7.25 -5.87
N ASN B 96 -13.72 7.62 -4.66
CA ASN B 96 -13.69 6.65 -3.52
C ASN B 96 -13.76 7.42 -2.25
N PRO B 97 -14.02 6.72 -1.10
CA PRO B 97 -14.32 7.42 0.11
C PRO B 97 -13.20 8.32 0.56
N ASN B 98 -11.94 7.96 0.30
CA ASN B 98 -10.79 8.76 0.84
C ASN B 98 -10.43 9.73 -0.25
N ASP B 99 -10.98 9.72 -1.47
CA ASP B 99 -10.59 10.68 -2.55
C ASP B 99 -11.89 10.86 -3.39
N PRO B 100 -12.79 11.74 -2.97
CA PRO B 100 -14.10 11.90 -3.72
C PRO B 100 -13.96 12.86 -4.89
N HIS B 101 -13.18 12.46 -5.90
CA HIS B 101 -12.79 13.26 -7.08
C HIS B 101 -12.86 12.44 -8.34
N GLY B 102 -14.01 11.99 -8.72
CA GLY B 102 -14.16 10.96 -9.76
C GLY B 102 -14.98 11.41 -10.96
N SER B 103 -15.12 12.72 -11.26
CA SER B 103 -15.68 13.05 -12.54
C SER B 103 -14.84 12.56 -13.69
N GLU B 104 -15.44 12.44 -14.87
CA GLU B 104 -14.70 12.06 -16.09
C GLU B 104 -14.17 13.32 -16.75
N HIS B 105 -15.07 14.25 -17.12
CA HIS B 105 -14.60 15.54 -17.61
C HIS B 105 -13.97 16.33 -16.46
N THR B 106 -12.98 17.11 -16.84
CA THR B 106 -12.36 18.05 -15.86
C THR B 106 -12.55 19.43 -16.45
N VAL B 107 -12.45 20.45 -15.55
CA VAL B 107 -12.60 21.83 -16.03
C VAL B 107 -11.34 22.58 -15.50
N SER B 108 -10.53 23.05 -16.50
CA SER B 108 -9.25 23.73 -16.17
C SER B 108 -8.44 22.85 -15.20
N GLY B 109 -8.38 21.57 -15.57
CA GLY B 109 -7.60 20.62 -14.86
C GLY B 109 -8.11 20.07 -13.57
N GLN B 110 -9.29 20.44 -13.15
CA GLN B 110 -9.81 19.97 -11.81
C GLN B 110 -10.97 18.98 -12.04
N HIS B 111 -10.90 17.92 -11.29
CA HIS B 111 -11.99 17.02 -11.19
C HIS B 111 -13.09 17.48 -10.28
N PHE B 112 -14.29 17.09 -10.58
CA PHE B 112 -15.43 17.29 -9.73
C PHE B 112 -15.59 15.97 -8.93
N ALA B 113 -16.45 15.92 -7.94
CA ALA B 113 -16.64 14.74 -7.12
C ALA B 113 -17.11 13.54 -7.96
N ALA B 114 -18.08 13.79 -8.86
CA ALA B 114 -18.72 12.70 -9.60
C ALA B 114 -19.29 13.28 -10.88
N GLU B 115 -19.91 12.43 -11.71
CA GLU B 115 -20.50 12.90 -12.97
C GLU B 115 -21.67 12.01 -13.28
N LEU B 116 -22.78 12.63 -13.72
CA LEU B 116 -23.95 11.92 -14.23
C LEU B 116 -23.98 12.01 -15.74
N HIS B 117 -24.26 10.87 -16.40
CA HIS B 117 -24.47 10.82 -17.84
C HIS B 117 -25.85 10.35 -18.14
N ILE B 118 -26.59 11.16 -18.92
CA ILE B 118 -27.95 10.75 -19.40
C ILE B 118 -27.81 10.47 -20.84
N VAL B 119 -27.87 9.19 -21.23
CA VAL B 119 -27.57 8.71 -22.57
C VAL B 119 -28.87 8.69 -23.42
N HIS B 120 -28.80 9.27 -24.60
CA HIS B 120 -29.91 9.30 -25.51
C HIS B 120 -29.41 8.79 -26.87
N TYR B 121 -30.35 8.33 -27.70
CA TYR B 121 -29.98 7.85 -29.02
C TYR B 121 -30.87 8.47 -30.06
N ASN B 122 -30.38 8.49 -31.30
CA ASN B 122 -31.16 9.08 -32.41
C ASN B 122 -32.30 8.15 -32.83
N SER B 123 -33.48 8.37 -32.23
CA SER B 123 -34.67 7.50 -32.48
C SER B 123 -35.33 7.82 -33.81
N ASP B 124 -35.02 8.99 -34.42
CA ASP B 124 -35.49 9.19 -35.78
C ASP B 124 -34.84 8.24 -36.76
N LEU B 125 -33.61 7.82 -36.58
CA LEU B 125 -32.88 7.04 -37.54
C LEU B 125 -32.79 5.56 -37.10
N TYR B 126 -32.73 5.25 -35.80
CA TYR B 126 -32.52 3.91 -35.34
C TYR B 126 -33.56 3.39 -34.45
N PRO B 127 -33.73 2.05 -34.43
CA PRO B 127 -34.85 1.50 -33.64
C PRO B 127 -34.51 1.19 -32.23
N ASP B 128 -33.22 1.45 -31.80
CA ASP B 128 -32.81 1.17 -30.46
C ASP B 128 -31.43 1.76 -30.32
N ALA B 129 -31.08 1.97 -29.06
CA ALA B 129 -29.83 2.61 -28.74
C ALA B 129 -28.57 1.77 -29.10
N SER B 130 -28.73 0.42 -29.04
N SER B 130 -28.62 0.43 -28.97
CA SER B 130 -27.61 -0.47 -29.31
CA SER B 130 -27.40 -0.35 -29.32
C SER B 130 -27.16 -0.31 -30.78
C SER B 130 -27.13 -0.17 -30.85
N THR B 131 -28.17 -0.34 -31.67
CA THR B 131 -27.91 -0.03 -33.12
C THR B 131 -27.33 1.35 -33.35
N ALA B 132 -27.89 2.38 -32.67
CA ALA B 132 -27.42 3.78 -32.84
C ALA B 132 -25.95 3.87 -32.37
N SER B 133 -25.57 3.05 -31.39
CA SER B 133 -24.23 3.29 -30.71
C SER B 133 -23.04 3.11 -31.57
N ASN B 134 -23.23 2.49 -32.71
CA ASN B 134 -22.05 2.40 -33.57
C ASN B 134 -22.16 3.18 -34.87
N LYS B 135 -23.12 4.12 -34.89
CA LYS B 135 -23.30 5.10 -36.05
C LYS B 135 -22.90 6.51 -35.74
N SER B 136 -22.49 7.26 -36.80
CA SER B 136 -21.97 8.67 -36.55
C SER B 136 -23.01 9.53 -35.82
N GLU B 137 -22.72 10.23 -34.72
CA GLU B 137 -23.77 11.06 -33.99
C GLU B 137 -25.02 10.17 -33.60
N GLY B 138 -24.91 8.81 -33.53
CA GLY B 138 -25.97 7.96 -33.06
C GLY B 138 -26.41 8.27 -31.64
N LEU B 139 -25.52 8.79 -30.81
CA LEU B 139 -25.82 8.99 -29.40
C LEU B 139 -25.65 10.45 -29.02
N ALA B 140 -26.37 10.91 -28.01
CA ALA B 140 -26.18 12.23 -27.45
C ALA B 140 -26.22 12.02 -25.95
N VAL B 141 -25.21 12.50 -25.22
CA VAL B 141 -25.14 12.35 -23.79
C VAL B 141 -25.22 13.73 -23.17
N LEU B 142 -26.02 13.85 -22.09
CA LEU B 142 -25.98 15.03 -21.21
C LEU B 142 -25.14 14.69 -20.06
N ALA B 143 -24.10 15.52 -19.75
CA ALA B 143 -23.24 15.30 -18.61
C ALA B 143 -23.43 16.40 -17.60
N VAL B 144 -23.64 15.97 -16.33
CA VAL B 144 -23.78 16.90 -15.21
C VAL B 144 -22.59 16.63 -14.29
N LEU B 145 -21.83 17.68 -14.01
CA LEU B 145 -20.73 17.65 -13.09
C LEU B 145 -21.30 17.77 -11.66
N ILE B 146 -20.79 16.94 -10.74
CA ILE B 146 -21.35 16.88 -9.38
C ILE B 146 -20.27 17.26 -8.40
N GLU B 147 -20.56 18.20 -7.52
CA GLU B 147 -19.61 18.62 -6.52
C GLU B 147 -20.14 18.34 -5.14
N MET B 148 -19.27 18.14 -4.16
CA MET B 148 -19.64 17.91 -2.81
C MET B 148 -20.24 19.18 -2.22
N GLY B 149 -21.45 19.12 -1.69
CA GLY B 149 -22.16 20.30 -1.21
C GLY B 149 -23.35 19.88 -0.37
N SER B 150 -24.47 20.52 -0.66
CA SER B 150 -25.74 20.22 0.04
C SER B 150 -26.29 18.91 -0.35
N PHE B 151 -27.03 18.29 0.60
CA PHE B 151 -27.87 17.10 0.31
C PHE B 151 -28.80 17.39 -0.80
N ASN B 152 -28.95 16.42 -1.73
CA ASN B 152 -29.76 16.61 -2.90
C ASN B 152 -30.89 15.55 -2.90
N PRO B 153 -32.12 15.94 -2.59
CA PRO B 153 -33.18 14.92 -2.45
C PRO B 153 -33.41 14.24 -3.78
N SER B 154 -33.24 14.89 -4.92
CA SER B 154 -33.50 14.28 -6.21
C SER B 154 -32.51 13.20 -6.52
N TYR B 155 -31.22 13.43 -6.32
CA TYR B 155 -30.26 12.34 -6.48
C TYR B 155 -30.52 11.24 -5.49
N ASP B 156 -31.02 11.54 -4.31
CA ASP B 156 -31.30 10.49 -3.36
C ASP B 156 -32.40 9.57 -3.84
N LYS B 157 -33.25 9.95 -4.80
CA LYS B 157 -34.25 9.05 -5.32
C LYS B 157 -33.52 7.85 -5.99
N ILE B 158 -32.30 8.01 -6.47
CA ILE B 158 -31.47 6.92 -6.99
C ILE B 158 -30.72 6.33 -5.85
N PHE B 159 -29.99 7.14 -5.06
CA PHE B 159 -29.07 6.60 -4.09
C PHE B 159 -29.72 5.76 -3.04
N SER B 160 -30.92 6.08 -2.68
CA SER B 160 -31.61 5.32 -1.63
C SER B 160 -31.91 3.91 -2.03
N HIS B 161 -31.67 3.46 -3.27
CA HIS B 161 -31.82 2.10 -3.68
C HIS B 161 -30.55 1.30 -3.87
N LEU B 162 -29.41 1.93 -3.63
CA LEU B 162 -28.07 1.27 -3.93
C LEU B 162 -27.80 0.02 -3.13
N GLN B 163 -28.18 -0.09 -1.86
CA GLN B 163 -27.95 -1.27 -1.06
C GLN B 163 -28.63 -2.46 -1.63
N HIS B 164 -29.42 -2.31 -2.65
CA HIS B 164 -30.25 -3.18 -3.36
C HIS B 164 -29.78 -3.71 -4.77
N VAL B 165 -28.76 -3.06 -5.21
CA VAL B 165 -28.12 -3.40 -6.45
C VAL B 165 -26.63 -3.48 -6.20
N LYS B 166 -26.15 -3.98 -5.01
N LYS B 166 -26.45 -4.12 -5.08
CA LYS B 166 -24.69 -3.99 -4.65
CA LYS B 166 -25.20 -4.10 -4.57
C LYS B 166 -23.83 -4.85 -5.62
C LYS B 166 -24.17 -4.86 -5.46
N TYR B 167 -24.49 -5.94 -6.16
CA TYR B 167 -23.63 -6.73 -7.01
C TYR B 167 -23.99 -6.74 -8.45
N LYS B 168 -22.98 -7.12 -9.25
CA LYS B 168 -23.18 -7.19 -10.67
C LYS B 168 -24.36 -7.99 -11.03
N GLY B 169 -25.26 -7.50 -11.87
CA GLY B 169 -26.38 -8.20 -12.37
C GLY B 169 -27.65 -8.02 -11.55
N GLN B 170 -27.55 -7.44 -10.35
CA GLN B 170 -28.76 -7.24 -9.56
C GLN B 170 -29.54 -6.05 -10.15
N GLU B 171 -30.85 -6.11 -9.94
CA GLU B 171 -31.84 -5.16 -10.43
C GLU B 171 -32.77 -4.70 -9.28
N ALA B 172 -33.27 -3.49 -9.36
CA ALA B 172 -34.21 -2.96 -8.38
C ALA B 172 -35.15 -2.00 -9.18
N PHE B 173 -36.29 -1.66 -8.66
CA PHE B 173 -37.23 -0.75 -9.25
C PHE B 173 -37.15 0.57 -8.47
N VAL B 174 -37.13 1.66 -9.22
CA VAL B 174 -37.06 3.02 -8.67
C VAL B 174 -38.41 3.69 -9.16
N PRO B 175 -39.23 4.20 -8.22
CA PRO B 175 -40.41 4.95 -8.69
C PRO B 175 -39.94 6.12 -9.56
N GLY B 176 -40.79 6.53 -10.49
CA GLY B 176 -40.44 7.67 -11.32
C GLY B 176 -40.31 8.92 -10.52
N PHE B 177 -39.47 9.86 -11.06
CA PHE B 177 -39.37 11.15 -10.49
C PHE B 177 -38.94 12.06 -11.64
N ASN B 178 -38.85 13.37 -11.36
CA ASN B 178 -38.49 14.30 -12.45
C ASN B 178 -37.01 14.34 -12.69
N ILE B 179 -36.59 13.70 -13.72
CA ILE B 179 -35.17 13.66 -14.08
C ILE B 179 -34.58 15.00 -14.27
N GLU B 180 -35.40 16.01 -14.70
CA GLU B 180 -34.84 17.34 -14.86
C GLU B 180 -34.34 17.88 -13.56
N GLU B 181 -34.76 17.36 -12.39
CA GLU B 181 -34.29 17.80 -11.08
C GLU B 181 -32.81 17.40 -10.90
N LEU B 182 -32.27 16.49 -11.77
CA LEU B 182 -30.85 16.11 -11.66
C LEU B 182 -29.98 17.08 -12.39
N LEU B 183 -30.57 17.98 -13.20
CA LEU B 183 -29.80 18.92 -14.02
C LEU B 183 -29.54 20.18 -13.22
N PRO B 184 -28.48 20.91 -13.59
CA PRO B 184 -28.16 22.16 -12.84
C PRO B 184 -28.93 23.26 -13.34
N GLU B 185 -28.49 24.40 -12.68
CA GLU B 185 -29.01 25.75 -13.08
C GLU B 185 -28.38 26.15 -14.44
N ARG B 186 -29.24 27.01 -15.11
CA ARG B 186 -28.84 27.55 -16.43
C ARG B 186 -28.43 26.54 -17.41
N THR B 187 -29.30 25.56 -17.60
CA THR B 187 -28.94 24.58 -18.58
C THR B 187 -28.61 25.16 -19.99
N ALA B 188 -29.04 26.41 -20.25
CA ALA B 188 -28.66 27.03 -21.50
C ALA B 188 -27.19 27.17 -21.70
N GLU B 189 -26.39 27.14 -20.62
CA GLU B 189 -24.93 27.27 -20.70
C GLU B 189 -24.29 25.91 -20.66
N TYR B 190 -23.65 25.54 -21.75
CA TYR B 190 -23.05 24.21 -21.89
C TYR B 190 -21.89 24.24 -22.87
N TYR B 191 -21.08 23.17 -22.73
CA TYR B 191 -20.04 22.81 -23.63
C TYR B 191 -20.53 21.72 -24.58
N ARG B 192 -20.16 21.78 -25.85
CA ARG B 192 -20.54 20.82 -26.87
C ARG B 192 -19.35 20.33 -27.62
N TYR B 193 -19.19 19.02 -27.80
CA TYR B 193 -18.10 18.53 -28.66
C TYR B 193 -18.45 17.15 -29.11
N ARG B 194 -17.75 16.72 -30.15
CA ARG B 194 -17.87 15.34 -30.70
C ARG B 194 -16.87 14.42 -30.06
N GLY B 195 -17.37 13.32 -29.47
CA GLY B 195 -16.53 12.40 -28.77
C GLY B 195 -17.07 11.00 -28.84
N SER B 196 -16.82 10.26 -27.76
CA SER B 196 -17.00 8.85 -27.76
C SER B 196 -17.67 8.39 -26.48
N LEU B 197 -18.05 7.11 -26.50
CA LEU B 197 -18.29 6.43 -25.19
C LEU B 197 -17.03 6.56 -24.36
N THR B 198 -17.15 6.77 -23.05
CA THR B 198 -16.01 6.80 -22.18
C THR B 198 -15.66 5.41 -21.65
N THR B 199 -16.43 4.39 -22.01
CA THR B 199 -16.17 3.02 -21.60
C THR B 199 -16.05 2.22 -22.86
N PRO B 200 -15.39 1.03 -22.78
CA PRO B 200 -15.50 0.07 -23.91
C PRO B 200 -16.94 -0.09 -24.35
N PRO B 201 -17.21 -0.22 -25.67
N PRO B 201 -17.22 -0.17 -25.62
CA PRO B 201 -16.28 -0.22 -26.84
CA PRO B 201 -16.22 -0.32 -26.64
C PRO B 201 -15.79 1.10 -27.33
C PRO B 201 -15.67 1.00 -27.16
N CYS B 202 -16.01 2.19 -26.60
CA CYS B 202 -15.37 3.49 -26.91
C CYS B 202 -15.73 4.02 -28.29
N ASN B 203 -16.93 3.67 -28.76
N ASN B 203 -16.92 3.64 -28.79
CA ASN B 203 -17.40 4.12 -30.10
CA ASN B 203 -17.25 4.06 -30.16
C ASN B 203 -17.35 5.62 -30.23
C ASN B 203 -17.24 5.57 -30.22
N PRO B 204 -16.77 6.15 -31.34
CA PRO B 204 -16.66 7.64 -31.48
C PRO B 204 -17.97 8.22 -32.02
N THR B 205 -19.07 8.01 -31.37
CA THR B 205 -20.41 8.23 -31.94
C THR B 205 -21.25 9.08 -31.04
N VAL B 206 -20.62 9.85 -30.14
CA VAL B 206 -21.40 10.63 -29.17
C VAL B 206 -21.28 12.13 -29.41
N LEU B 207 -22.42 12.80 -29.43
CA LEU B 207 -22.47 14.25 -29.32
C LEU B 207 -22.58 14.59 -27.85
N TRP B 208 -21.53 15.13 -27.27
CA TRP B 208 -21.48 15.48 -25.82
C TRP B 208 -22.05 16.86 -25.58
N THR B 209 -22.83 16.96 -24.50
CA THR B 209 -23.24 18.25 -23.93
C THR B 209 -22.87 18.18 -22.47
N VAL B 210 -21.94 19.03 -22.01
CA VAL B 210 -21.55 19.06 -20.63
C VAL B 210 -22.08 20.37 -20.05
N PHE B 211 -22.97 20.36 -19.09
CA PHE B 211 -23.50 21.62 -18.56
C PHE B 211 -22.41 22.39 -17.85
N ARG B 212 -22.43 23.73 -18.00
CA ARG B 212 -21.41 24.59 -17.36
C ARG B 212 -21.47 24.48 -15.88
N ASN B 213 -22.66 24.49 -15.29
CA ASN B 213 -22.76 24.62 -13.86
C ASN B 213 -22.92 23.23 -13.24
N PRO B 214 -22.25 22.97 -12.15
CA PRO B 214 -22.41 21.69 -11.42
C PRO B 214 -23.66 21.68 -10.56
N VAL B 215 -24.02 20.49 -10.11
CA VAL B 215 -24.97 20.30 -9.01
C VAL B 215 -24.23 19.87 -7.80
N GLN B 216 -24.88 19.89 -6.66
CA GLN B 216 -24.29 19.42 -5.40
C GLN B 216 -25.00 18.16 -4.88
N ILE B 217 -24.21 17.25 -4.29
CA ILE B 217 -24.76 16.21 -3.43
C ILE B 217 -23.87 16.20 -2.18
N SER B 218 -24.35 15.62 -1.09
CA SER B 218 -23.61 15.77 0.16
C SER B 218 -22.49 14.78 0.27
N GLN B 219 -21.59 15.03 1.20
CA GLN B 219 -20.55 14.06 1.56
C GLN B 219 -21.14 12.71 1.88
N GLU B 220 -22.26 12.67 2.61
CA GLU B 220 -22.87 11.36 2.99
C GLU B 220 -23.41 10.70 1.76
N GLN B 221 -23.98 11.43 0.82
CA GLN B 221 -24.49 10.78 -0.39
C GLN B 221 -23.32 10.25 -1.22
N LEU B 222 -22.24 11.00 -1.35
CA LEU B 222 -21.08 10.49 -2.01
C LEU B 222 -20.55 9.25 -1.35
N LEU B 223 -20.45 9.25 -0.03
CA LEU B 223 -19.92 8.09 0.62
C LEU B 223 -20.84 6.86 0.42
N ALA B 224 -22.17 7.06 0.44
CA ALA B 224 -23.08 5.93 0.15
C ALA B 224 -22.81 5.39 -1.26
N LEU B 225 -22.68 6.27 -2.25
CA LEU B 225 -22.39 5.86 -3.61
C LEU B 225 -21.09 5.14 -3.72
N GLU B 226 -20.08 5.58 -3.02
CA GLU B 226 -18.76 5.05 -3.12
C GLU B 226 -18.57 3.77 -2.27
N THR B 227 -19.50 3.42 -1.42
CA THR B 227 -19.31 2.22 -0.58
C THR B 227 -20.43 1.21 -0.85
N ALA B 228 -21.37 1.44 -1.70
CA ALA B 228 -22.46 0.50 -1.77
C ALA B 228 -22.16 -0.67 -2.74
N LEU B 229 -21.41 -0.40 -3.79
CA LEU B 229 -21.47 -1.27 -4.98
C LEU B 229 -20.20 -1.99 -5.20
N TYR B 230 -20.31 -3.15 -5.90
CA TYR B 230 -19.22 -4.05 -6.31
C TYR B 230 -19.29 -4.32 -7.79
N CYS B 231 -18.12 -4.43 -8.44
CA CYS B 231 -18.16 -4.79 -9.81
C CYS B 231 -18.42 -6.27 -10.04
N THR B 232 -18.37 -7.07 -9.00
CA THR B 232 -18.40 -8.52 -9.06
C THR B 232 -19.80 -9.04 -8.65
N HIS B 233 -20.07 -10.29 -9.04
CA HIS B 233 -21.29 -10.94 -8.64
C HIS B 233 -21.34 -11.21 -7.12
N MET B 234 -22.54 -11.41 -6.58
CA MET B 234 -22.73 -11.64 -5.13
C MET B 234 -21.90 -12.83 -4.66
N ASP B 235 -21.70 -13.88 -5.51
CA ASP B 235 -21.07 -15.05 -5.00
C ASP B 235 -19.60 -15.10 -5.40
N ASP B 236 -19.02 -14.03 -5.89
CA ASP B 236 -17.65 -14.09 -6.35
C ASP B 236 -16.70 -14.21 -5.13
N PRO B 237 -15.79 -15.19 -5.11
CA PRO B 237 -14.81 -15.28 -4.01
C PRO B 237 -13.69 -14.21 -4.06
N SER B 238 -13.63 -13.33 -5.07
N SER B 238 -13.70 -13.38 -5.11
CA SER B 238 -12.62 -12.26 -5.07
CA SER B 238 -12.75 -12.26 -5.24
C SER B 238 -13.32 -10.93 -5.34
C SER B 238 -13.54 -10.98 -5.46
N PRO B 239 -14.16 -10.47 -4.42
CA PRO B 239 -14.97 -9.24 -4.68
C PRO B 239 -14.15 -8.04 -5.03
N ARG B 240 -14.75 -7.13 -5.82
CA ARG B 240 -14.00 -5.90 -6.15
C ARG B 240 -14.99 -4.71 -5.93
N GLU B 241 -14.62 -3.78 -5.08
CA GLU B 241 -15.42 -2.57 -4.86
C GLU B 241 -15.51 -1.74 -6.15
N MET B 242 -16.70 -1.19 -6.41
CA MET B 242 -16.89 -0.29 -7.58
C MET B 242 -16.61 1.13 -7.10
N ILE B 243 -15.34 1.49 -7.33
CA ILE B 243 -14.80 2.79 -6.99
C ILE B 243 -13.94 3.26 -8.16
N ASN B 244 -13.74 4.57 -8.24
CA ASN B 244 -12.80 5.09 -9.23
C ASN B 244 -13.16 4.69 -10.63
N ASN B 245 -14.44 4.72 -10.98
CA ASN B 245 -14.93 4.21 -12.25
C ASN B 245 -15.02 5.33 -13.27
N PHE B 246 -13.92 6.04 -13.45
CA PHE B 246 -13.86 7.12 -14.45
C PHE B 246 -12.62 6.91 -15.25
N ARG B 247 -12.68 7.31 -16.50
CA ARG B 247 -11.52 7.28 -17.45
C ARG B 247 -10.70 8.56 -17.29
N GLN B 248 -9.38 8.47 -17.44
CA GLN B 248 -8.57 9.69 -17.55
C GLN B 248 -8.94 10.49 -18.74
N VAL B 249 -8.66 11.79 -18.72
CA VAL B 249 -8.91 12.63 -19.94
C VAL B 249 -8.01 12.24 -21.08
N GLN B 250 -8.48 12.48 -22.28
CA GLN B 250 -7.87 12.05 -23.53
C GLN B 250 -7.25 13.21 -24.25
N LYS B 251 -6.28 12.92 -25.13
CA LYS B 251 -5.75 13.99 -26.02
C LYS B 251 -6.89 14.55 -26.85
N PHE B 252 -6.80 15.84 -27.10
CA PHE B 252 -7.86 16.44 -27.90
C PHE B 252 -7.90 16.08 -29.49
N ASP B 253 -6.80 15.56 -30.05
CA ASP B 253 -6.73 15.21 -31.49
C ASP B 253 -7.21 16.40 -32.39
N GLU B 254 -6.80 17.63 -32.07
CA GLU B 254 -7.16 18.84 -32.69
C GLU B 254 -8.67 19.29 -32.61
N ARG B 255 -9.48 18.59 -31.79
CA ARG B 255 -10.76 19.11 -31.71
C ARG B 255 -10.86 20.46 -30.82
N LEU B 256 -12.02 21.12 -31.02
CA LEU B 256 -12.35 22.30 -30.20
C LEU B 256 -13.65 21.98 -29.55
N VAL B 257 -13.85 22.56 -28.43
CA VAL B 257 -15.08 22.42 -27.67
C VAL B 257 -15.81 23.73 -27.88
N TYR B 258 -17.08 23.64 -28.23
CA TYR B 258 -17.91 24.86 -28.49
C TYR B 258 -18.76 25.19 -27.30
N THR B 259 -18.89 26.45 -26.96
CA THR B 259 -19.62 26.85 -25.80
C THR B 259 -20.83 27.69 -26.17
N SER B 260 -21.92 27.51 -25.46
CA SER B 260 -23.12 28.34 -25.69
C SER B 260 -23.07 29.59 -24.88
N PHE B 261 -21.97 29.88 -24.18
CA PHE B 261 -21.77 31.05 -23.35
C PHE B 261 -20.48 31.65 -23.82
N SER B 262 -20.42 32.99 -23.75
CA SER B 262 -19.23 33.60 -24.25
C SER B 262 -18.12 33.50 -23.32
N GLN B 263 -18.48 33.62 -22.08
CA GLN B 263 -17.84 34.30 -20.88
C GLN B 263 -18.76 33.97 -19.66
N LYS C 3 17.57 -22.38 3.70
CA LYS C 3 16.57 -21.57 2.91
C LYS C 3 15.48 -20.97 3.77
N TRP C 4 15.78 -20.91 5.09
CA TRP C 4 14.88 -20.22 6.10
C TRP C 4 14.92 -18.70 5.83
N THR C 5 13.79 -18.10 6.14
CA THR C 5 13.65 -16.60 5.96
C THR C 5 12.90 -15.99 7.17
N TYR C 6 12.53 -14.73 7.04
CA TYR C 6 11.63 -14.08 7.96
C TYR C 6 10.30 -13.77 7.39
N PHE C 7 9.90 -14.43 6.32
CA PHE C 7 8.49 -14.29 5.79
C PHE C 7 7.93 -15.49 5.05
N GLY C 8 6.94 -15.22 4.20
CA GLY C 8 6.34 -16.24 3.36
C GLY C 8 6.16 -17.61 3.97
N PRO C 9 6.58 -18.67 3.24
CA PRO C 9 6.28 -19.94 3.91
C PRO C 9 7.49 -20.49 4.66
N ASP C 10 8.70 -19.87 4.48
CA ASP C 10 9.93 -20.35 5.07
C ASP C 10 10.28 -19.55 6.28
N GLY C 11 9.34 -18.72 6.73
CA GLY C 11 9.49 -17.77 7.90
C GLY C 11 9.40 -18.50 9.23
N GLU C 12 9.40 -17.64 10.29
CA GLU C 12 9.73 -18.20 11.59
C GLU C 12 8.76 -19.24 12.10
N ASN C 13 7.49 -19.18 11.74
CA ASN C 13 6.61 -20.23 12.25
C ASN C 13 6.92 -21.62 11.67
N SER C 14 7.69 -21.66 10.58
CA SER C 14 8.05 -22.94 9.94
C SER C 14 9.47 -23.36 10.24
N TRP C 15 10.22 -22.57 10.99
CA TRP C 15 11.63 -22.96 11.29
C TRP C 15 11.69 -24.34 11.95
N SER C 16 10.75 -24.65 12.85
CA SER C 16 10.81 -25.88 13.62
C SER C 16 10.73 -27.15 12.79
N LYS C 17 10.28 -27.05 11.55
N LYS C 17 10.30 -27.05 11.54
CA LYS C 17 10.34 -28.24 10.65
CA LYS C 17 10.18 -28.30 10.77
C LYS C 17 11.77 -28.77 10.51
C LYS C 17 11.54 -28.83 10.37
N LYS C 18 12.64 -27.93 9.97
N LYS C 18 12.48 -27.93 10.12
CA LYS C 18 14.03 -28.36 9.79
CA LYS C 18 13.84 -28.38 9.81
C LYS C 18 14.93 -28.06 10.94
C LYS C 18 14.75 -28.26 11.05
N TYR C 19 14.43 -27.29 11.91
CA TYR C 19 15.29 -26.96 13.02
C TYR C 19 14.50 -27.19 14.34
N PRO C 20 14.46 -28.43 14.86
CA PRO C 20 13.48 -28.75 15.87
C PRO C 20 13.65 -27.90 17.16
N SER C 21 14.85 -27.40 17.44
CA SER C 21 14.97 -26.58 18.67
C SER C 21 14.21 -25.30 18.60
N CYS C 22 13.80 -24.85 17.39
CA CYS C 22 13.04 -23.63 17.31
C CYS C 22 11.65 -23.74 17.89
N GLY C 23 11.18 -25.01 18.12
CA GLY C 23 9.93 -25.28 18.82
C GLY C 23 10.12 -25.82 20.26
N GLY C 24 11.37 -25.74 20.75
CA GLY C 24 11.71 -26.31 22.04
C GLY C 24 11.76 -25.28 23.14
N LEU C 25 12.51 -25.64 24.20
CA LEU C 25 12.64 -24.80 25.40
C LEU C 25 13.59 -23.62 25.20
N LEU C 26 13.47 -22.67 26.12
CA LEU C 26 14.42 -21.60 26.35
C LEU C 26 14.51 -20.68 25.14
N GLN C 27 13.44 -20.44 24.38
CA GLN C 27 13.59 -19.64 23.15
C GLN C 27 13.63 -18.17 23.44
N SER C 28 14.47 -17.50 22.62
CA SER C 28 14.64 -16.06 22.61
C SER C 28 14.18 -15.51 21.25
N PRO C 29 13.88 -14.19 21.18
CA PRO C 29 13.96 -13.16 22.19
C PRO C 29 12.65 -13.17 23.02
N ILE C 30 12.65 -12.24 24.01
CA ILE C 30 11.54 -12.13 25.00
C ILE C 30 11.27 -10.68 25.23
N ASP C 31 10.10 -10.40 25.81
CA ASP C 31 9.77 -9.11 26.36
C ASP C 31 10.29 -8.95 27.79
N LEU C 32 11.04 -7.87 28.06
CA LEU C 32 11.65 -7.58 29.36
C LEU C 32 10.76 -6.61 30.05
N HIS C 33 10.00 -7.01 31.05
CA HIS C 33 9.01 -6.13 31.73
C HIS C 33 9.08 -6.26 33.20
N SER C 34 8.65 -5.23 33.97
CA SER C 34 8.95 -5.09 35.37
C SER C 34 8.51 -6.30 36.17
N ASP C 35 7.34 -6.93 35.78
CA ASP C 35 6.83 -8.02 36.61
C ASP C 35 7.66 -9.21 36.70
N ILE C 36 8.58 -9.38 35.75
CA ILE C 36 9.40 -10.56 35.76
C ILE C 36 10.88 -10.25 36.09
N LEU C 37 11.25 -9.04 36.48
CA LEU C 37 12.63 -8.73 36.79
C LEU C 37 12.96 -8.98 38.21
N GLN C 38 14.18 -9.38 38.48
CA GLN C 38 14.60 -9.58 39.87
C GLN C 38 16.08 -9.21 39.93
N TYR C 39 16.39 -8.32 40.88
CA TYR C 39 17.83 -8.00 41.11
C TYR C 39 18.59 -9.20 41.57
N ASP C 40 19.81 -9.35 41.07
CA ASP C 40 20.73 -10.47 41.41
C ASP C 40 22.07 -9.89 41.64
N ALA C 41 22.55 -9.96 42.90
CA ALA C 41 23.89 -9.38 43.29
C ALA C 41 25.03 -10.05 42.62
N SER C 42 24.83 -11.23 42.04
CA SER C 42 25.92 -11.90 41.35
C SER C 42 26.31 -11.19 40.03
N LEU C 43 25.39 -10.32 39.53
CA LEU C 43 25.56 -9.77 38.18
C LEU C 43 26.51 -8.58 38.22
N THR C 44 27.76 -8.86 38.45
CA THR C 44 28.83 -7.83 38.50
C THR C 44 29.21 -7.30 37.09
N PRO C 45 29.99 -6.25 37.00
CA PRO C 45 30.41 -5.74 35.69
C PRO C 45 31.25 -6.74 34.85
N LEU C 46 30.97 -6.93 33.56
CA LEU C 46 31.73 -7.70 32.65
C LEU C 46 32.92 -6.82 32.26
N GLU C 47 33.99 -7.50 31.84
CA GLU C 47 35.11 -6.76 31.21
C GLU C 47 35.24 -7.28 29.76
N PHE C 48 35.58 -6.36 28.84
CA PHE C 48 35.65 -6.68 27.48
C PHE C 48 37.09 -6.64 27.15
N GLN C 49 37.64 -7.80 26.77
CA GLN C 49 39.17 -7.85 26.54
C GLN C 49 39.45 -8.12 25.12
N GLY C 50 40.51 -7.42 24.62
CA GLY C 50 40.85 -7.71 23.23
C GLY C 50 39.91 -7.03 22.23
N TYR C 51 39.04 -6.15 22.68
CA TYR C 51 37.97 -5.60 21.77
C TYR C 51 38.54 -4.47 20.89
N ASN C 52 39.77 -4.05 21.16
CA ASN C 52 40.37 -2.95 20.41
C ASN C 52 41.15 -3.54 19.29
N LEU C 53 40.44 -3.74 18.17
CA LEU C 53 41.04 -4.41 17.03
C LEU C 53 41.92 -3.43 16.23
N SER C 54 43.12 -3.87 15.81
CA SER C 54 44.08 -2.88 15.10
C SER C 54 43.50 -2.45 13.74
N ALA C 55 43.74 -1.20 13.32
CA ALA C 55 43.29 -0.66 12.02
C ALA C 55 44.14 -1.33 10.90
N ASN C 56 45.10 -2.16 11.36
CA ASN C 56 46.13 -2.93 10.59
C ASN C 56 45.56 -4.25 10.17
N LYS C 57 44.69 -4.86 11.01
CA LYS C 57 44.08 -6.12 10.74
C LYS C 57 42.74 -5.72 10.02
N GLN C 58 42.20 -6.64 9.21
CA GLN C 58 40.83 -6.60 8.71
C GLN C 58 39.99 -7.84 8.97
N PHE C 59 38.66 -7.58 8.88
CA PHE C 59 37.62 -8.50 9.37
C PHE C 59 36.56 -8.74 8.34
N LEU C 60 36.20 -9.96 8.03
CA LEU C 60 35.33 -10.28 6.89
C LEU C 60 33.88 -9.92 7.25
N LEU C 61 33.28 -9.07 6.41
CA LEU C 61 31.88 -8.68 6.44
C LEU C 61 31.17 -9.56 5.34
N THR C 62 29.98 -10.11 5.68
CA THR C 62 29.26 -11.07 4.79
C THR C 62 27.80 -10.67 4.89
N ASN C 63 27.15 -10.67 3.74
CA ASN C 63 25.75 -10.77 3.63
C ASN C 63 25.42 -12.22 3.45
N ASN C 64 24.86 -12.84 4.55
CA ASN C 64 24.53 -14.20 4.50
C ASN C 64 23.10 -14.39 4.16
N GLY C 65 22.41 -13.34 3.59
CA GLY C 65 20.97 -13.52 3.23
C GLY C 65 20.08 -13.30 4.42
N HIS C 66 20.65 -13.24 5.63
CA HIS C 66 19.80 -13.16 6.82
C HIS C 66 20.05 -11.89 7.56
N SER C 67 21.31 -11.46 7.51
CA SER C 67 21.77 -10.31 8.19
C SER C 67 23.05 -9.89 7.52
N VAL C 68 23.66 -8.86 8.08
CA VAL C 68 25.08 -8.59 7.75
C VAL C 68 25.92 -8.92 8.99
N LYS C 69 26.96 -9.69 8.78
CA LYS C 69 27.81 -10.36 9.90
C LYS C 69 29.21 -9.91 9.64
N LEU C 70 29.87 -9.46 10.76
CA LEU C 70 31.28 -9.31 10.80
C LEU C 70 32.01 -10.34 11.63
N ASN C 71 32.93 -11.10 11.03
CA ASN C 71 33.70 -12.06 11.81
C ASN C 71 34.58 -11.32 12.79
N LEU C 72 34.77 -11.93 13.97
CA LEU C 72 35.62 -11.35 15.02
C LEU C 72 36.62 -12.42 15.58
N PRO C 73 37.83 -12.03 15.99
CA PRO C 73 38.94 -12.94 16.31
C PRO C 73 38.78 -13.55 17.71
N SER C 74 39.28 -14.78 17.94
CA SER C 74 38.98 -15.56 19.16
C SER C 74 39.76 -15.05 20.35
N ASP C 75 40.75 -14.22 20.09
CA ASP C 75 41.46 -13.63 21.23
C ASP C 75 40.60 -12.43 21.87
N MET C 76 39.49 -12.05 21.27
CA MET C 76 38.67 -11.06 21.89
C MET C 76 37.65 -11.87 22.77
N HIS C 77 37.43 -11.41 23.95
CA HIS C 77 36.72 -12.22 24.96
C HIS C 77 36.10 -11.42 26.06
N ILE C 78 35.05 -12.02 26.68
CA ILE C 78 34.43 -11.48 27.85
C ILE C 78 35.02 -12.13 29.09
N GLN C 79 35.29 -11.32 30.07
CA GLN C 79 35.77 -11.79 31.35
C GLN C 79 34.71 -11.37 32.38
N GLY C 80 34.46 -12.30 33.29
CA GLY C 80 33.54 -12.05 34.31
C GLY C 80 32.42 -13.06 34.40
N LEU C 81 32.25 -13.97 33.44
CA LEU C 81 31.22 -15.00 33.47
C LEU C 81 31.84 -16.27 34.09
N GLN C 82 31.07 -17.33 34.20
CA GLN C 82 31.68 -18.50 34.88
C GLN C 82 32.74 -19.30 34.02
N SER C 83 32.78 -18.98 32.74
CA SER C 83 33.70 -19.58 31.72
C SER C 83 34.19 -18.41 30.87
N ARG C 84 35.30 -18.60 30.17
CA ARG C 84 35.69 -17.54 29.25
C ARG C 84 34.87 -17.77 27.96
N TYR C 85 34.29 -16.64 27.49
CA TYR C 85 33.56 -16.63 26.20
C TYR C 85 34.34 -15.78 25.21
N SER C 86 34.76 -16.39 24.11
CA SER C 86 35.55 -15.70 23.10
C SER C 86 34.63 -15.28 21.94
N ALA C 87 35.00 -14.17 21.28
CA ALA C 87 34.17 -13.68 20.16
C ALA C 87 34.23 -14.55 18.93
N THR C 88 33.14 -14.56 18.17
CA THR C 88 33.03 -15.21 16.89
C THR C 88 32.54 -14.32 15.80
N GLN C 89 31.52 -13.50 16.06
CA GLN C 89 30.91 -12.63 14.98
C GLN C 89 29.94 -11.66 15.67
N LEU C 90 29.68 -10.52 15.01
CA LEU C 90 28.59 -9.72 15.29
C LEU C 90 27.66 -9.56 14.12
N HIS C 91 26.43 -9.16 14.42
CA HIS C 91 25.42 -9.00 13.33
C HIS C 91 24.35 -8.07 13.92
N LEU C 92 23.43 -7.67 13.06
CA LEU C 92 22.35 -6.77 13.43
C LEU C 92 20.97 -7.28 12.92
N HIS C 93 19.97 -6.74 13.67
CA HIS C 93 18.54 -7.02 13.32
C HIS C 93 17.84 -5.69 13.24
N TRP C 94 16.94 -5.47 12.25
CA TRP C 94 16.25 -4.19 12.05
C TRP C 94 14.85 -4.45 11.43
N GLY C 95 14.17 -3.30 11.33
CA GLY C 95 12.78 -3.27 10.84
C GLY C 95 12.77 -2.78 9.39
N ASN C 96 11.94 -1.79 9.13
CA ASN C 96 11.87 -1.27 7.67
C ASN C 96 11.51 0.21 7.81
N PRO C 97 11.68 1.01 6.71
CA PRO C 97 11.40 2.42 6.86
C PRO C 97 9.97 2.78 7.21
N ASN C 98 9.05 1.92 6.83
CA ASN C 98 7.60 2.22 7.17
C ASN C 98 7.23 1.82 8.63
N ASP C 99 8.08 1.00 9.30
CA ASP C 99 7.83 0.52 10.69
C ASP C 99 9.23 0.29 11.28
N PRO C 100 9.92 1.37 11.68
CA PRO C 100 11.39 1.27 11.95
C PRO C 100 11.52 0.80 13.41
N HIS C 101 11.03 -0.42 13.71
CA HIS C 101 11.03 -0.88 15.16
C HIS C 101 11.38 -2.34 15.09
N GLY C 102 12.61 -2.72 14.83
CA GLY C 102 13.03 -4.05 14.51
C GLY C 102 14.07 -4.66 15.46
N SER C 103 14.07 -4.16 16.74
CA SER C 103 14.82 -4.96 17.70
C SER C 103 14.17 -6.29 17.96
N GLU C 104 14.96 -7.21 18.50
CA GLU C 104 14.46 -8.56 18.86
C GLU C 104 13.83 -8.53 20.23
N HIS C 105 14.63 -8.18 21.22
CA HIS C 105 14.05 -7.98 22.58
C HIS C 105 13.19 -6.72 22.59
N THR C 106 12.18 -6.75 23.43
CA THR C 106 11.34 -5.58 23.72
C THR C 106 11.43 -5.24 25.18
N VAL C 107 11.09 -3.98 25.51
CA VAL C 107 11.12 -3.54 26.91
C VAL C 107 9.74 -3.01 27.20
N SER C 108 9.01 -3.63 28.13
CA SER C 108 7.65 -3.19 28.43
C SER C 108 6.81 -3.18 27.15
N GLY C 109 6.99 -4.21 26.33
CA GLY C 109 6.24 -4.37 25.12
C GLY C 109 6.76 -3.57 23.92
N GLN C 110 7.76 -2.69 24.11
CA GLN C 110 8.13 -1.79 23.04
C GLN C 110 9.44 -2.22 22.36
N HIS C 111 9.41 -2.29 21.02
CA HIS C 111 10.64 -2.50 20.28
C HIS C 111 11.50 -1.20 20.26
N PHE C 112 12.78 -1.45 20.13
CA PHE C 112 13.73 -0.40 19.71
C PHE C 112 13.87 -0.48 18.17
N ALA C 113 14.58 0.52 17.61
CA ALA C 113 14.78 0.54 16.17
C ALA C 113 15.50 -0.64 15.58
N ALA C 114 16.56 -1.10 16.37
CA ALA C 114 17.38 -2.23 15.83
C ALA C 114 18.16 -2.78 17.04
N GLU C 115 18.86 -3.87 16.78
CA GLU C 115 19.56 -4.52 17.91
C GLU C 115 20.85 -5.07 17.21
N LEU C 116 21.95 -4.89 18.05
CA LEU C 116 23.24 -5.49 17.66
C LEU C 116 23.62 -6.71 18.63
N HIS C 117 23.96 -7.80 18.05
CA HIS C 117 24.32 -8.99 18.81
C HIS C 117 25.85 -9.25 18.57
N ILE C 118 26.60 -9.33 19.67
CA ILE C 118 28.02 -9.72 19.62
C ILE C 118 28.14 -11.14 20.14
N VAL C 119 28.32 -12.10 19.32
CA VAL C 119 28.25 -13.54 19.59
C VAL C 119 29.58 -14.05 20.06
N HIS C 120 29.58 -14.70 21.20
CA HIS C 120 30.80 -15.35 21.80
C HIS C 120 30.52 -16.86 22.04
N TYR C 121 31.61 -17.65 22.11
CA TYR C 121 31.50 -19.11 22.34
C TYR C 121 32.36 -19.42 23.55
N ASN C 122 31.95 -20.48 24.20
CA ASN C 122 32.67 -20.95 25.42
C ASN C 122 33.96 -21.71 24.99
N SER C 123 34.99 -20.94 24.99
CA SER C 123 36.31 -21.46 24.56
C SER C 123 36.96 -22.29 25.63
N ASP C 124 36.52 -22.24 26.85
CA ASP C 124 37.02 -23.16 27.86
C ASP C 124 36.51 -24.59 27.62
N LEU C 125 35.31 -24.72 27.14
CA LEU C 125 34.75 -26.08 26.89
C LEU C 125 34.98 -26.53 25.48
N TYR C 126 34.93 -25.60 24.52
CA TYR C 126 34.80 -25.99 23.13
C TYR C 126 35.89 -25.36 22.24
N PRO C 127 36.25 -26.05 21.15
CA PRO C 127 37.43 -25.64 20.36
C PRO C 127 37.09 -24.49 19.40
N ASP C 128 35.81 -24.29 19.09
CA ASP C 128 35.41 -23.24 18.14
C ASP C 128 33.91 -23.02 18.30
N ALA C 129 33.47 -21.96 17.64
CA ALA C 129 32.03 -21.58 17.80
C ALA C 129 31.04 -22.56 17.16
N SER C 130 31.36 -23.12 15.99
CA SER C 130 30.44 -24.10 15.36
C SER C 130 30.25 -25.32 16.29
N THR C 131 31.32 -25.82 16.91
CA THR C 131 31.23 -26.97 17.82
C THR C 131 30.38 -26.58 19.05
N ALA C 132 30.66 -25.37 19.55
CA ALA C 132 29.95 -24.93 20.76
C ALA C 132 28.47 -24.68 20.59
N SER C 133 28.01 -24.31 19.39
CA SER C 133 26.70 -23.64 19.27
C SER C 133 25.58 -24.57 19.67
N ASN C 134 25.66 -25.90 19.59
CA ASN C 134 24.59 -26.80 19.95
C ASN C 134 24.87 -27.53 21.29
N LYS C 135 25.81 -27.03 22.11
CA LYS C 135 26.26 -27.67 23.34
C LYS C 135 25.98 -26.83 24.55
N SER C 136 25.94 -27.53 25.69
CA SER C 136 25.63 -26.95 26.99
C SER C 136 26.60 -25.78 27.20
N GLU C 137 26.04 -24.64 27.63
CA GLU C 137 26.80 -23.43 27.96
C GLU C 137 27.67 -23.02 26.77
N GLY C 138 27.17 -23.20 25.55
CA GLY C 138 28.07 -23.00 24.39
C GLY C 138 28.26 -21.58 24.03
N LEU C 139 27.28 -20.67 24.21
CA LEU C 139 27.32 -19.34 23.66
C LEU C 139 26.97 -18.27 24.66
N ALA C 140 27.44 -17.03 24.42
CA ALA C 140 27.07 -15.90 25.20
C ALA C 140 26.91 -14.72 24.23
N VAL C 141 25.84 -13.91 24.33
CA VAL C 141 25.62 -12.89 23.41
C VAL C 141 25.48 -11.64 24.16
N LEU C 142 26.16 -10.57 23.68
CA LEU C 142 25.94 -9.25 24.21
C LEU C 142 24.93 -8.55 23.27
N ALA C 143 23.86 -7.99 23.81
CA ALA C 143 22.82 -7.35 23.00
C ALA C 143 22.70 -5.95 23.32
N VAL C 144 22.82 -5.12 22.28
CA VAL C 144 22.75 -3.67 22.45
C VAL C 144 21.49 -3.15 21.62
N LEU C 145 20.62 -2.52 22.38
CA LEU C 145 19.39 -1.93 21.81
C LEU C 145 19.78 -0.60 21.14
N ILE C 146 19.21 -0.34 19.94
CA ILE C 146 19.59 0.85 19.07
C ILE C 146 18.33 1.67 18.87
N GLU C 147 18.42 2.95 19.12
CA GLU C 147 17.36 3.87 18.87
C GLU C 147 17.86 5.05 18.01
N MET C 148 16.92 5.79 17.41
CA MET C 148 17.29 6.92 16.60
C MET C 148 17.72 8.09 17.50
N GLY C 149 18.76 8.81 17.03
CA GLY C 149 19.16 9.96 17.85
C GLY C 149 20.34 10.57 17.08
N SER C 150 21.44 10.80 17.86
CA SER C 150 22.69 11.36 17.33
C SER C 150 23.39 10.44 16.33
N PHE C 151 24.09 11.04 15.36
CA PHE C 151 24.98 10.28 14.47
C PHE C 151 25.99 9.53 15.32
N ASN C 152 26.33 8.33 14.88
CA ASN C 152 27.27 7.42 15.55
C ASN C 152 28.41 6.97 14.75
N PRO C 153 29.60 7.64 14.91
CA PRO C 153 30.82 7.27 14.12
C PRO C 153 31.28 5.91 14.24
N SER C 154 31.10 5.28 15.42
CA SER C 154 31.47 3.88 15.61
C SER C 154 30.66 2.96 14.75
N TYR C 155 29.31 3.04 14.77
CA TYR C 155 28.51 2.18 13.90
C TYR C 155 28.73 2.49 12.50
N ASP C 156 29.20 3.68 12.05
CA ASP C 156 29.46 4.04 10.68
C ASP C 156 30.69 3.18 10.18
N LYS C 157 31.55 2.68 11.12
CA LYS C 157 32.71 1.84 10.71
C LYS C 157 32.21 0.63 10.11
N ILE C 158 30.97 0.14 10.45
CA ILE C 158 30.40 -1.02 9.78
C ILE C 158 29.65 -0.43 8.58
N PHE C 159 28.70 0.43 8.95
CA PHE C 159 27.70 0.95 7.95
C PHE C 159 28.20 1.51 6.61
N SER C 160 29.47 1.94 6.64
CA SER C 160 30.07 2.51 5.49
C SER C 160 30.54 1.53 4.50
N HIS C 161 30.46 0.26 4.85
CA HIS C 161 30.71 -0.84 3.92
C HIS C 161 29.53 -1.53 3.29
N LEU C 162 28.29 -1.25 3.75
CA LEU C 162 27.11 -2.05 3.31
C LEU C 162 26.86 -2.06 1.90
N GLN C 163 27.31 -1.03 1.11
CA GLN C 163 27.07 -1.04 -0.34
C GLN C 163 27.96 -2.07 -1.08
N HIS C 164 28.98 -2.60 -0.35
CA HIS C 164 29.91 -3.68 -0.88
C HIS C 164 29.38 -5.08 -0.71
N VAL C 165 28.34 -5.20 0.12
CA VAL C 165 27.76 -6.56 0.39
C VAL C 165 26.29 -6.54 0.12
N LYS C 166 25.81 -5.88 -0.96
CA LYS C 166 24.39 -5.78 -1.09
C LYS C 166 23.72 -7.01 -1.35
N TYR C 167 24.32 -8.00 -1.90
CA TYR C 167 23.58 -9.19 -2.24
C TYR C 167 23.97 -10.35 -1.39
N LYS C 168 23.10 -11.36 -1.39
CA LYS C 168 23.37 -12.57 -0.64
C LYS C 168 24.68 -13.22 -1.12
N GLY C 169 25.51 -13.63 -0.18
CA GLY C 169 26.86 -14.28 -0.48
C GLY C 169 28.02 -13.35 -0.62
N GLN C 170 27.75 -12.06 -0.86
CA GLN C 170 28.86 -11.09 -1.08
C GLN C 170 29.57 -10.83 0.21
N GLU C 171 30.87 -10.56 0.05
CA GLU C 171 31.81 -10.32 1.15
C GLU C 171 32.66 -9.09 0.92
N ALA C 172 33.09 -8.53 2.01
CA ALA C 172 34.01 -7.42 2.04
C ALA C 172 34.82 -7.40 3.27
N PHE C 173 35.77 -6.55 3.40
CA PHE C 173 36.62 -6.47 4.59
C PHE C 173 36.38 -5.13 5.23
N VAL C 174 36.29 -5.16 6.55
CA VAL C 174 36.32 -3.92 7.36
C VAL C 174 37.64 -3.84 8.13
N PRO C 175 38.24 -2.67 8.18
CA PRO C 175 39.45 -2.52 9.09
C PRO C 175 39.10 -2.61 10.53
N GLY C 176 40.04 -3.17 11.33
CA GLY C 176 39.85 -3.20 12.79
C GLY C 176 39.45 -1.83 13.32
N PHE C 177 38.57 -1.89 14.31
CA PHE C 177 38.36 -0.73 15.27
C PHE C 177 37.97 -1.28 16.59
N ASN C 178 37.76 -0.38 17.59
CA ASN C 178 37.48 -0.83 18.88
C ASN C 178 35.99 -1.13 19.08
N ILE C 179 35.72 -2.45 19.10
CA ILE C 179 34.36 -2.94 19.11
C ILE C 179 33.69 -2.40 20.40
N GLU C 180 34.34 -2.08 21.47
CA GLU C 180 33.83 -1.55 22.69
C GLU C 180 33.06 -0.28 22.41
N GLU C 181 33.36 0.42 21.32
CA GLU C 181 32.65 1.68 21.08
C GLU C 181 31.19 1.41 20.61
N LEU C 182 30.86 0.19 20.21
CA LEU C 182 29.44 -0.21 19.88
C LEU C 182 28.60 -0.32 21.07
N LEU C 183 29.22 -0.38 22.28
CA LEU C 183 28.46 -0.71 23.54
C LEU C 183 27.90 0.59 24.10
N PRO C 184 26.81 0.56 24.83
CA PRO C 184 26.21 1.73 25.42
C PRO C 184 26.93 2.26 26.56
N GLU C 185 26.38 3.33 27.12
CA GLU C 185 26.67 3.86 28.48
C GLU C 185 26.23 2.84 29.57
N ARG C 186 27.09 2.86 30.60
CA ARG C 186 26.89 2.14 31.86
C ARG C 186 26.67 0.68 31.57
N THR C 187 27.63 0.11 30.91
CA THR C 187 27.55 -1.32 30.67
C THR C 187 27.29 -2.18 31.89
N ALA C 188 27.54 -1.64 33.10
CA ALA C 188 27.31 -2.42 34.33
C ALA C 188 25.78 -2.70 34.52
N GLU C 189 24.93 -1.93 33.88
CA GLU C 189 23.47 -2.18 34.01
C GLU C 189 22.97 -3.08 32.87
N TYR C 190 22.45 -4.26 33.21
CA TYR C 190 22.05 -5.19 32.22
C TYR C 190 20.97 -6.13 32.76
N TYR C 191 20.27 -6.72 31.79
CA TYR C 191 19.39 -7.89 31.98
C TYR C 191 20.11 -9.16 31.64
N ARG C 192 19.82 -10.25 32.38
CA ARG C 192 20.43 -11.52 32.11
C ARG C 192 19.46 -12.68 32.15
N TYR C 193 19.49 -13.52 31.17
CA TYR C 193 18.66 -14.75 31.27
C TYR C 193 19.26 -15.79 30.37
N ARG C 194 18.86 -17.04 30.55
CA ARG C 194 19.35 -18.17 29.74
C ARG C 194 18.31 -18.29 28.57
N GLY C 195 18.82 -18.32 27.34
CA GLY C 195 17.88 -18.45 26.18
C GLY C 195 18.56 -19.18 25.06
N SER C 196 18.24 -18.71 23.82
CA SER C 196 18.57 -19.50 22.62
C SER C 196 19.11 -18.55 21.57
N LEU C 197 19.64 -19.17 20.52
CA LEU C 197 19.82 -18.36 19.27
C LEU C 197 18.42 -17.85 18.89
N THR C 198 18.35 -16.67 18.29
CA THR C 198 17.09 -16.16 17.76
C THR C 198 16.88 -16.49 16.31
N THR C 199 17.88 -17.17 15.73
CA THR C 199 17.75 -17.72 14.37
C THR C 199 17.88 -19.21 14.39
N PRO C 200 17.53 -19.91 13.32
CA PRO C 200 17.86 -21.32 13.25
C PRO C 200 19.36 -21.50 13.50
N PRO C 201 19.78 -22.58 14.11
CA PRO C 201 18.96 -23.68 14.56
C PRO C 201 18.25 -23.47 15.95
N CYS C 202 18.33 -22.24 16.50
CA CYS C 202 17.56 -21.93 17.70
C CYS C 202 18.01 -22.72 18.93
N ASN C 203 19.28 -23.13 18.98
CA ASN C 203 19.68 -24.00 20.09
C ASN C 203 19.58 -23.22 21.40
N PRO C 204 19.16 -23.94 22.45
CA PRO C 204 18.89 -23.26 23.77
C PRO C 204 20.22 -23.15 24.59
N THR C 205 21.24 -22.54 23.97
CA THR C 205 22.60 -22.61 24.47
C THR C 205 23.23 -21.25 24.70
N VAL C 206 22.36 -20.21 24.75
CA VAL C 206 22.86 -18.83 24.85
C VAL C 206 22.64 -18.18 26.20
N LEU C 207 23.68 -17.68 26.83
CA LEU C 207 23.57 -16.81 28.02
C LEU C 207 23.39 -15.38 27.48
N TRP C 208 22.22 -14.79 27.64
CA TRP C 208 21.95 -13.44 27.14
C TRP C 208 22.26 -12.38 28.13
N THR C 209 22.92 -11.36 27.65
CA THR C 209 23.15 -10.19 28.33
C THR C 209 22.66 -8.99 27.52
N VAL C 210 21.58 -8.35 27.96
CA VAL C 210 20.94 -7.26 27.19
C VAL C 210 21.18 -5.99 27.94
N PHE C 211 21.98 -5.05 27.41
CA PHE C 211 22.25 -3.87 28.20
C PHE C 211 21.00 -3.04 28.41
N ARG C 212 20.93 -2.43 29.57
CA ARG C 212 19.75 -1.67 29.94
C ARG C 212 19.55 -0.43 29.07
N ASN C 213 20.69 0.18 28.70
CA ASN C 213 20.63 1.52 28.04
C ASN C 213 20.98 1.32 26.54
N PRO C 214 20.16 1.96 25.66
CA PRO C 214 20.37 1.90 24.27
C PRO C 214 21.45 2.82 23.78
N VAL C 215 22.01 2.51 22.60
CA VAL C 215 22.86 3.44 21.85
C VAL C 215 21.96 4.16 20.82
N GLN C 216 22.45 5.26 20.29
CA GLN C 216 21.84 5.98 19.18
C GLN C 216 22.61 6.04 17.86
N ILE C 217 21.85 5.89 16.81
CA ILE C 217 22.31 6.08 15.48
C ILE C 217 21.38 7.11 14.77
N SER C 218 21.89 7.88 13.81
CA SER C 218 21.02 8.97 13.26
C SER C 218 19.90 8.32 12.48
N GLN C 219 18.89 9.19 12.18
CA GLN C 219 17.84 8.83 11.24
C GLN C 219 18.50 8.33 9.94
N GLU C 220 19.48 9.06 9.43
CA GLU C 220 20.16 8.65 8.18
C GLU C 220 20.79 7.31 8.25
N GLN C 221 21.57 7.06 9.34
CA GLN C 221 22.22 5.75 9.48
C GLN C 221 21.23 4.58 9.61
N LEU C 222 20.11 4.83 10.22
CA LEU C 222 19.07 3.75 10.31
C LEU C 222 18.36 3.46 9.06
N LEU C 223 18.07 4.55 8.21
CA LEU C 223 17.51 4.37 6.92
C LEU C 223 18.42 3.64 6.07
N ALA C 224 19.68 4.13 6.14
CA ALA C 224 20.82 3.39 5.44
C ALA C 224 20.87 1.89 5.63
N LEU C 225 20.76 1.44 6.90
CA LEU C 225 20.79 0.07 7.32
C LEU C 225 19.56 -0.66 6.81
N GLU C 226 18.40 0.06 6.90
CA GLU C 226 17.09 -0.60 6.50
C GLU C 226 16.94 -0.69 4.96
N THR C 227 17.79 0.03 4.22
CA THR C 227 17.57 0.06 2.77
C THR C 227 18.76 -0.46 1.95
N ALA C 228 19.91 -0.81 2.54
CA ALA C 228 21.07 -1.10 1.87
C ALA C 228 21.16 -2.52 1.25
N LEU C 229 20.60 -3.53 1.93
CA LEU C 229 20.74 -4.96 1.54
C LEU C 229 19.63 -5.66 0.91
N TYR C 230 19.92 -6.70 0.19
CA TYR C 230 18.97 -7.53 -0.40
C TYR C 230 19.35 -8.85 0.29
N CYS C 231 18.39 -9.73 0.35
CA CYS C 231 18.68 -10.98 0.91
C CYS C 231 18.79 -12.05 -0.25
N THR C 232 18.67 -11.60 -1.50
CA THR C 232 18.73 -12.42 -2.74
C THR C 232 20.07 -12.24 -3.41
N HIS C 233 20.43 -13.25 -4.25
CA HIS C 233 21.77 -13.19 -4.96
C HIS C 233 21.75 -12.11 -6.06
N MET C 234 22.92 -11.52 -6.40
CA MET C 234 23.07 -10.41 -7.35
C MET C 234 22.39 -10.76 -8.67
N ASP C 235 22.40 -12.06 -9.07
CA ASP C 235 21.89 -12.51 -10.44
C ASP C 235 20.32 -12.68 -10.54
N ASP C 236 19.69 -12.80 -9.32
CA ASP C 236 18.21 -12.87 -9.16
C ASP C 236 17.37 -11.74 -9.87
N PRO C 237 16.48 -12.17 -10.85
CA PRO C 237 15.59 -11.25 -11.55
C PRO C 237 14.44 -10.76 -10.62
N SER C 238 14.26 -11.34 -9.40
CA SER C 238 13.23 -10.87 -8.41
C SER C 238 13.93 -10.49 -7.06
N PRO C 239 14.64 -9.33 -7.03
CA PRO C 239 15.36 -9.06 -5.75
C PRO C 239 14.49 -8.69 -4.58
N ARG C 240 14.90 -9.06 -3.40
CA ARG C 240 14.06 -8.79 -2.23
C ARG C 240 14.96 -8.05 -1.28
N GLU C 241 14.43 -6.96 -0.71
CA GLU C 241 15.13 -6.17 0.33
C GLU C 241 15.22 -6.93 1.67
N MET C 242 16.39 -6.82 2.29
CA MET C 242 16.61 -7.40 3.60
C MET C 242 16.07 -6.42 4.65
N ILE C 243 14.86 -6.72 5.16
CA ILE C 243 14.18 -5.88 6.13
C ILE C 243 13.49 -6.88 7.13
N ASN C 244 13.13 -6.31 8.26
CA ASN C 244 12.33 -7.06 9.26
C ASN C 244 12.96 -8.40 9.60
N ASN C 245 14.27 -8.34 9.81
CA ASN C 245 15.06 -9.62 10.04
C ASN C 245 15.20 -9.87 11.56
N PHE C 246 14.07 -9.83 12.25
CA PHE C 246 14.02 -10.06 13.71
C PHE C 246 12.99 -11.12 13.94
N ARG C 247 13.17 -11.92 14.99
CA ARG C 247 12.15 -12.90 15.41
C ARG C 247 11.14 -12.24 16.33
N GLN C 248 9.87 -12.63 16.24
CA GLN C 248 8.90 -12.17 17.24
C GLN C 248 9.29 -12.67 18.64
N VAL C 249 8.80 -11.95 19.66
CA VAL C 249 9.09 -12.39 21.02
C VAL C 249 8.38 -13.75 21.30
N GLN C 250 9.02 -14.51 22.18
CA GLN C 250 8.60 -15.85 22.54
C GLN C 250 7.88 -15.81 23.89
N LYS C 251 7.00 -16.76 24.12
CA LYS C 251 6.39 -16.88 25.49
C LYS C 251 7.50 -17.14 26.47
N PHE C 252 7.35 -16.66 27.69
N PHE C 252 7.32 -16.59 27.67
CA PHE C 252 8.41 -16.76 28.74
CA PHE C 252 8.33 -16.66 28.78
C PHE C 252 7.60 -16.94 30.02
C PHE C 252 7.52 -16.57 30.09
N ASP C 253 7.41 -18.20 30.42
N ASP C 253 7.15 -17.76 30.52
CA ASP C 253 6.41 -18.52 31.49
CA ASP C 253 6.21 -18.02 31.64
C ASP C 253 7.03 -18.92 32.79
C ASP C 253 6.88 -18.81 32.74
N GLU C 254 6.58 -18.35 33.94
CA GLU C 254 7.08 -18.86 35.20
C GLU C 254 8.60 -18.77 35.21
N ARG C 255 9.13 -17.68 34.64
CA ARG C 255 10.60 -17.45 34.59
C ARG C 255 10.88 -15.99 34.92
N LEU C 256 12.13 -15.74 35.41
CA LEU C 256 12.55 -14.40 35.75
C LEU C 256 13.64 -13.96 34.81
N VAL C 257 13.75 -12.65 34.65
CA VAL C 257 14.96 -12.04 34.00
C VAL C 257 15.69 -11.36 35.16
N TYR C 258 16.98 -11.69 35.32
CA TYR C 258 17.72 -11.14 36.41
C TYR C 258 18.37 -9.83 35.99
N THR C 259 18.45 -8.89 36.93
CA THR C 259 18.98 -7.60 36.61
C THR C 259 20.12 -7.21 37.51
N SER C 260 21.12 -6.51 36.92
CA SER C 260 22.32 -6.12 37.68
C SER C 260 22.02 -4.86 38.39
N PHE C 261 20.89 -4.21 38.17
CA PHE C 261 20.54 -2.93 38.69
C PHE C 261 19.34 -3.07 39.47
N SER C 262 19.11 -2.18 40.42
CA SER C 262 17.92 -2.39 41.28
C SER C 262 16.92 -1.25 41.28
N GLN C 263 17.38 -0.11 40.81
CA GLN C 263 16.55 1.13 40.75
C GLN C 263 16.35 1.63 39.26
N LYS D 3 -3.49 -32.71 18.51
CA LYS D 3 -2.89 -32.60 19.89
C LYS D 3 -2.14 -31.26 19.93
N TRP D 4 -2.46 -30.24 19.05
CA TRP D 4 -1.78 -28.97 19.20
C TRP D 4 -2.13 -28.32 20.54
N THR D 5 -1.18 -27.54 21.05
CA THR D 5 -1.31 -26.86 22.34
C THR D 5 -0.80 -25.43 22.26
N TYR D 6 -0.79 -24.77 23.40
CA TYR D 6 -0.20 -23.48 23.53
C TYR D 6 1.10 -23.52 24.32
N PHE D 7 1.64 -24.66 24.67
CA PHE D 7 2.83 -24.67 25.50
C PHE D 7 3.50 -25.99 25.25
N GLY D 8 4.85 -25.96 25.22
CA GLY D 8 5.69 -27.21 25.19
C GLY D 8 5.82 -27.65 23.74
N PRO D 9 6.16 -28.90 23.52
CA PRO D 9 6.57 -29.38 22.22
C PRO D 9 5.60 -29.18 21.08
N ASP D 10 4.28 -29.22 21.37
CA ASP D 10 3.23 -29.08 20.36
C ASP D 10 2.66 -27.65 20.35
N GLY D 11 3.36 -26.70 20.94
CA GLY D 11 2.88 -25.30 20.98
C GLY D 11 3.13 -24.60 19.65
N GLU D 12 2.90 -23.28 19.70
CA GLU D 12 2.61 -22.52 18.48
C GLU D 12 3.77 -22.50 17.48
N ASN D 13 4.99 -22.64 17.90
CA ASN D 13 6.09 -22.68 16.93
C ASN D 13 6.10 -24.00 16.16
N SER D 14 5.33 -24.97 16.58
CA SER D 14 5.25 -26.32 15.94
C SER D 14 3.95 -26.50 15.17
N TRP D 15 2.99 -25.59 15.26
CA TRP D 15 1.73 -25.80 14.56
C TRP D 15 1.92 -26.05 13.08
N SER D 16 2.84 -25.31 12.48
CA SER D 16 3.02 -25.42 11.00
C SER D 16 3.52 -26.79 10.58
N LYS D 17 3.96 -27.64 11.48
CA LYS D 17 4.36 -28.98 11.08
C LYS D 17 3.17 -29.78 10.61
N LYS D 18 2.00 -29.58 11.11
CA LYS D 18 0.77 -30.31 10.78
C LYS D 18 -0.19 -29.43 10.04
N TYR D 19 -0.10 -28.10 10.22
CA TYR D 19 -1.09 -27.12 9.68
C TYR D 19 -0.38 -26.11 8.89
N PRO D 20 -0.16 -26.34 7.56
CA PRO D 20 0.75 -25.49 6.85
C PRO D 20 0.33 -24.00 6.80
N SER D 21 -0.98 -23.73 6.89
CA SER D 21 -1.31 -22.29 6.84
C SER D 21 -0.79 -21.53 8.09
N CYS D 22 -0.49 -22.23 9.17
CA CYS D 22 0.00 -21.54 10.33
C CYS D 22 1.40 -20.97 10.07
N GLY D 23 2.12 -21.47 8.99
CA GLY D 23 3.33 -20.91 8.52
C GLY D 23 3.21 -20.09 7.24
N GLY D 24 2.00 -19.73 6.85
CA GLY D 24 1.78 -18.99 5.62
C GLY D 24 1.65 -17.52 5.87
N LEU D 25 0.87 -16.95 4.91
N LEU D 25 1.11 -16.80 4.91
CA LEU D 25 0.50 -15.54 4.74
CA LEU D 25 1.05 -15.38 5.12
C LEU D 25 -0.58 -14.99 5.65
C LEU D 25 -0.26 -15.03 5.82
N LEU D 26 -0.43 -13.73 6.12
CA LEU D 26 -1.65 -13.14 6.63
C LEU D 26 -2.10 -13.69 7.96
N GLN D 27 -1.19 -13.94 8.84
CA GLN D 27 -1.53 -14.56 10.09
C GLN D 27 -1.97 -13.54 11.13
N SER D 28 -2.82 -13.99 12.03
CA SER D 28 -3.29 -13.20 13.19
C SER D 28 -2.87 -13.94 14.46
N PRO D 29 -2.82 -13.24 15.62
CA PRO D 29 -3.15 -11.83 15.83
C PRO D 29 -1.94 -10.99 15.49
N ILE D 30 -2.15 -9.65 15.68
CA ILE D 30 -1.09 -8.66 15.41
C ILE D 30 -1.09 -7.60 16.48
N ASP D 31 0.00 -6.84 16.53
CA ASP D 31 0.09 -5.66 17.36
C ASP D 31 -0.46 -4.45 16.66
N LEU D 32 -1.39 -3.73 17.25
CA LEU D 32 -2.00 -2.58 16.61
C LEU D 32 -1.23 -1.39 17.12
N HIS D 33 -0.43 -0.74 16.27
CA HIS D 33 0.46 0.41 16.74
C HIS D 33 0.51 1.37 15.59
N SER D 34 0.81 2.62 15.96
CA SER D 34 0.57 3.79 15.11
C SER D 34 1.19 3.66 13.71
N ASP D 35 2.38 3.07 13.56
CA ASP D 35 3.05 3.15 12.25
C ASP D 35 2.30 2.38 11.19
N ILE D 36 1.45 1.36 11.58
CA ILE D 36 0.75 0.59 10.59
C ILE D 36 -0.71 0.88 10.58
N LEU D 37 -1.22 1.96 11.24
CA LEU D 37 -2.59 2.29 11.21
C LEU D 37 -2.90 3.35 10.14
N GLN D 38 -4.02 3.24 9.49
CA GLN D 38 -4.40 4.26 8.52
C GLN D 38 -5.87 4.46 8.54
N TYR D 39 -6.38 5.70 8.68
CA TYR D 39 -7.75 5.93 8.68
C TYR D 39 -8.32 5.60 7.26
N ASP D 40 -9.54 5.04 7.26
CA ASP D 40 -10.18 4.72 6.00
C ASP D 40 -11.60 5.08 6.13
N ALA D 41 -12.06 6.13 5.37
CA ALA D 41 -13.46 6.58 5.49
C ALA D 41 -14.44 5.57 4.94
N SER D 42 -14.01 4.51 4.27
CA SER D 42 -14.93 3.48 3.80
C SER D 42 -15.43 2.63 4.97
N LEU D 43 -14.77 2.70 6.14
CA LEU D 43 -15.15 1.81 7.29
C LEU D 43 -16.28 2.35 8.03
N THR D 44 -17.50 2.03 7.59
CA THR D 44 -18.70 2.57 8.11
C THR D 44 -19.25 1.66 9.21
N PRO D 45 -20.24 2.09 10.04
CA PRO D 45 -20.60 1.34 11.21
C PRO D 45 -21.22 -0.01 10.92
N LEU D 46 -20.91 -1.00 11.68
CA LEU D 46 -21.58 -2.30 11.59
C LEU D 46 -22.87 -2.23 12.35
N GLU D 47 -23.84 -3.11 11.95
CA GLU D 47 -25.05 -3.27 12.71
C GLU D 47 -25.24 -4.78 13.12
N PHE D 48 -25.61 -4.95 14.37
CA PHE D 48 -25.64 -6.26 14.98
C PHE D 48 -27.09 -6.71 15.08
N GLN D 49 -27.44 -7.70 14.25
CA GLN D 49 -28.84 -8.12 14.09
C GLN D 49 -29.09 -9.45 14.74
N GLY D 50 -30.23 -9.59 15.46
CA GLY D 50 -30.52 -10.91 16.07
C GLY D 50 -29.52 -11.27 17.21
N TYR D 51 -28.86 -10.27 17.78
CA TYR D 51 -27.93 -10.58 18.87
C TYR D 51 -28.66 -10.65 20.19
N ASN D 52 -29.97 -10.25 20.24
CA ASN D 52 -30.65 -10.31 21.46
C ASN D 52 -31.32 -11.69 21.59
N LEU D 53 -30.65 -12.67 22.19
CA LEU D 53 -31.15 -14.04 22.19
C LEU D 53 -32.18 -14.20 23.33
N SER D 54 -33.24 -14.91 23.01
CA SER D 54 -34.30 -15.12 23.99
C SER D 54 -33.83 -15.88 25.21
N ALA D 55 -34.30 -15.43 26.38
CA ALA D 55 -34.05 -16.13 27.66
C ALA D 55 -34.76 -17.49 27.71
N ASN D 56 -35.77 -17.74 26.87
CA ASN D 56 -36.48 -19.01 26.80
C ASN D 56 -35.80 -20.03 25.91
N LYS D 57 -34.72 -19.62 25.28
N LYS D 57 -34.78 -19.57 25.19
CA LYS D 57 -33.98 -20.44 24.37
CA LYS D 57 -33.97 -20.45 24.34
C LYS D 57 -32.63 -20.76 25.01
C LYS D 57 -32.70 -20.81 25.13
N GLN D 58 -32.03 -21.87 24.67
CA GLN D 58 -30.75 -22.27 25.31
C GLN D 58 -29.76 -22.54 24.22
N PHE D 59 -28.50 -22.25 24.57
CA PHE D 59 -27.37 -22.30 23.61
C PHE D 59 -26.29 -23.12 24.23
N LEU D 60 -25.65 -23.93 23.41
CA LEU D 60 -24.70 -24.93 23.98
C LEU D 60 -23.33 -24.33 24.24
N LEU D 61 -22.87 -24.45 25.45
CA LEU D 61 -21.50 -24.10 25.86
C LEU D 61 -20.68 -25.38 25.89
N THR D 62 -19.49 -25.35 25.34
CA THR D 62 -18.66 -26.55 25.27
C THR D 62 -17.19 -26.17 25.59
N ASN D 63 -16.52 -27.08 26.28
CA ASN D 63 -15.04 -27.01 26.40
C ASN D 63 -14.46 -27.85 25.29
N ASN D 64 -13.89 -27.19 24.28
CA ASN D 64 -13.38 -27.97 23.12
C ASN D 64 -11.86 -28.33 23.25
N GLY D 65 -11.35 -28.21 24.50
CA GLY D 65 -9.94 -28.58 24.66
C GLY D 65 -8.99 -27.38 24.38
N HIS D 66 -9.53 -26.26 23.88
CA HIS D 66 -8.69 -25.10 23.51
C HIS D 66 -9.20 -23.80 24.04
N SER D 67 -10.50 -23.73 24.26
CA SER D 67 -11.14 -22.56 24.86
C SER D 67 -12.52 -23.04 25.40
N VAL D 68 -13.33 -22.11 25.87
CA VAL D 68 -14.75 -22.36 26.13
C VAL D 68 -15.49 -21.64 24.98
N LYS D 69 -16.39 -22.38 24.35
CA LYS D 69 -17.13 -21.82 23.22
C LYS D 69 -18.64 -21.95 23.41
N LEU D 70 -19.33 -20.92 23.01
CA LEU D 70 -20.82 -20.83 23.04
C LEU D 70 -21.30 -20.88 21.60
N ASN D 71 -22.13 -21.85 21.27
CA ASN D 71 -22.77 -21.84 19.93
C ASN D 71 -23.76 -20.81 19.78
N LEU D 72 -23.83 -20.24 18.59
CA LEU D 72 -24.71 -19.11 18.32
C LEU D 72 -25.60 -19.46 17.08
N PRO D 73 -26.80 -18.88 17.03
CA PRO D 73 -27.76 -19.23 15.94
C PRO D 73 -27.44 -18.43 14.66
N SER D 74 -27.71 -19.02 13.52
CA SER D 74 -27.35 -18.32 12.28
C SER D 74 -28.24 -17.14 11.96
N ASP D 75 -29.37 -16.97 12.64
CA ASP D 75 -30.23 -15.77 12.48
C ASP D 75 -29.54 -14.56 13.04
N MET D 76 -28.54 -14.75 13.89
CA MET D 76 -27.73 -13.63 14.40
C MET D 76 -26.68 -13.29 13.29
N HIS D 77 -26.57 -11.98 12.92
CA HIS D 77 -25.68 -11.68 11.80
C HIS D 77 -25.22 -10.27 11.92
N ILE D 78 -24.16 -9.99 11.18
CA ILE D 78 -23.68 -8.63 10.99
C ILE D 78 -24.14 -8.07 9.69
N GLN D 79 -24.64 -6.85 9.81
CA GLN D 79 -25.07 -5.98 8.69
C GLN D 79 -23.98 -4.96 8.48
N GLY D 80 -23.44 -4.85 7.25
CA GLY D 80 -22.39 -3.88 6.95
C GLY D 80 -21.14 -4.19 6.12
N LEU D 81 -20.76 -5.45 5.97
CA LEU D 81 -19.52 -5.87 5.19
C LEU D 81 -19.77 -6.18 3.60
N GLN D 82 -18.78 -6.83 2.95
CA GLN D 82 -18.96 -7.04 1.44
C GLN D 82 -20.09 -8.11 1.31
N SER D 83 -20.54 -8.85 2.37
CA SER D 83 -21.61 -9.95 2.35
C SER D 83 -22.22 -10.15 3.69
N ARG D 84 -23.33 -10.84 3.80
CA ARG D 84 -23.87 -11.17 5.09
C ARG D 84 -23.04 -12.24 5.80
N TYR D 85 -22.62 -11.96 7.04
CA TYR D 85 -21.90 -12.88 7.85
C TYR D 85 -22.76 -13.27 9.03
N SER D 86 -23.02 -14.56 9.15
CA SER D 86 -23.95 -15.05 10.17
C SER D 86 -23.12 -15.73 11.31
N ALA D 87 -23.63 -15.51 12.54
CA ALA D 87 -22.82 -16.04 13.68
C ALA D 87 -22.78 -17.53 13.73
N THR D 88 -21.69 -18.05 14.26
CA THR D 88 -21.54 -19.46 14.49
C THR D 88 -21.14 -19.79 15.92
N GLN D 89 -20.21 -19.05 16.53
CA GLN D 89 -19.81 -19.31 17.93
C GLN D 89 -19.10 -18.10 18.47
N LEU D 90 -18.99 -18.04 19.79
CA LEU D 90 -18.04 -17.14 20.41
C LEU D 90 -17.17 -17.93 21.42
N HIS D 91 -16.02 -17.36 21.71
CA HIS D 91 -15.09 -18.02 22.64
C HIS D 91 -14.12 -16.95 23.14
N LEU D 92 -13.25 -17.38 24.09
CA LEU D 92 -12.34 -16.43 24.73
C LEU D 92 -10.88 -16.91 24.71
N HIS D 93 -9.98 -15.99 24.94
CA HIS D 93 -8.55 -16.27 25.15
C HIS D 93 -8.11 -15.53 26.39
N TRP D 94 -7.27 -16.18 27.20
CA TRP D 94 -6.86 -15.58 28.47
C TRP D 94 -5.48 -16.09 28.86
N GLY D 95 -5.00 -15.51 29.97
CA GLY D 95 -3.63 -15.73 30.48
C GLY D 95 -3.75 -16.73 31.67
N ASN D 96 -3.18 -16.30 32.82
CA ASN D 96 -3.25 -17.21 34.02
C ASN D 96 -3.13 -16.31 35.21
N PRO D 97 -3.35 -16.82 36.48
CA PRO D 97 -3.45 -15.91 37.64
C PRO D 97 -2.12 -15.18 37.84
N ASN D 98 -0.97 -15.80 37.44
CA ASN D 98 0.34 -15.09 37.68
C ASN D 98 0.66 -14.11 36.56
N ASP D 99 -0.07 -14.16 35.43
CA ASP D 99 0.18 -13.25 34.32
C ASP D 99 -1.20 -13.05 33.62
N PRO D 100 -2.02 -12.17 34.15
CA PRO D 100 -3.41 -12.00 33.59
C PRO D 100 -3.36 -11.07 32.41
N HIS D 101 -2.65 -11.46 31.33
CA HIS D 101 -2.39 -10.60 30.16
C HIS D 101 -2.42 -11.46 28.90
N GLY D 102 -3.60 -12.05 28.66
CA GLY D 102 -3.76 -13.06 27.67
C GLY D 102 -4.64 -12.66 26.49
N SER D 103 -4.80 -11.36 26.20
CA SER D 103 -5.39 -11.04 24.90
C SER D 103 -4.49 -11.55 23.75
N GLU D 104 -5.09 -11.74 22.59
CA GLU D 104 -4.32 -12.10 21.41
C GLU D 104 -3.80 -10.88 20.72
N HIS D 105 -4.71 -9.96 20.30
CA HIS D 105 -4.24 -8.67 19.82
C HIS D 105 -3.63 -7.86 20.95
N THR D 106 -2.66 -7.08 20.60
CA THR D 106 -2.05 -6.13 21.54
C THR D 106 -2.25 -4.70 20.91
N VAL D 107 -2.18 -3.72 21.80
CA VAL D 107 -2.30 -2.28 21.36
C VAL D 107 -1.06 -1.57 21.83
N SER D 108 -0.26 -1.06 20.87
CA SER D 108 0.99 -0.33 21.24
C SER D 108 1.82 -1.25 22.18
N GLY D 109 1.92 -2.52 21.82
CA GLY D 109 2.75 -3.49 22.53
C GLY D 109 2.18 -4.00 23.84
N GLN D 110 1.00 -3.67 24.23
CA GLN D 110 0.45 -4.08 25.52
C GLN D 110 -0.70 -5.08 25.31
N HIS D 111 -0.63 -6.16 26.08
CA HIS D 111 -1.76 -7.07 26.16
C HIS D 111 -2.87 -6.51 27.07
N PHE D 112 -4.06 -6.90 26.77
CA PHE D 112 -5.18 -6.77 27.66
C PHE D 112 -5.28 -8.10 28.45
N ALA D 113 -6.17 -8.13 29.43
CA ALA D 113 -6.27 -9.32 30.27
C ALA D 113 -6.75 -10.55 29.44
N ALA D 114 -7.74 -10.33 28.55
CA ALA D 114 -8.36 -11.44 27.85
C ALA D 114 -8.96 -10.85 26.55
N GLU D 115 -9.56 -11.73 25.74
CA GLU D 115 -10.17 -11.27 24.48
C GLU D 115 -11.30 -12.19 24.16
N LEU D 116 -12.44 -11.60 23.69
CA LEU D 116 -13.58 -12.32 23.17
C LEU D 116 -13.60 -12.29 21.67
N HIS D 117 -13.84 -13.44 21.04
CA HIS D 117 -14.01 -13.53 19.59
C HIS D 117 -15.41 -14.01 19.30
N ILE D 118 -16.13 -13.25 18.49
CA ILE D 118 -17.49 -13.68 18.01
C ILE D 118 -17.34 -14.01 16.57
N VAL D 119 -17.33 -15.29 16.24
CA VAL D 119 -17.03 -15.79 14.91
C VAL D 119 -18.32 -15.92 14.08
N HIS D 120 -18.18 -15.36 12.83
CA HIS D 120 -19.28 -15.41 11.86
C HIS D 120 -18.74 -15.98 10.55
N TYR D 121 -19.64 -16.55 9.72
CA TYR D 121 -19.19 -17.10 8.45
C TYR D 121 -20.02 -16.43 7.36
N ASN D 122 -19.44 -16.50 6.15
CA ASN D 122 -20.06 -15.87 4.93
C ASN D 122 -21.19 -16.77 4.44
N SER D 123 -22.41 -16.48 4.89
CA SER D 123 -23.53 -17.30 4.53
C SER D 123 -24.09 -16.97 3.17
N ASP D 124 -23.61 -15.88 2.56
CA ASP D 124 -24.01 -15.66 1.13
C ASP D 124 -23.22 -16.62 0.25
N LEU D 125 -22.04 -16.97 0.56
CA LEU D 125 -21.21 -17.84 -0.27
C LEU D 125 -21.24 -19.32 0.08
N TYR D 126 -21.37 -19.59 1.38
CA TYR D 126 -21.18 -20.90 1.89
C TYR D 126 -22.32 -21.40 2.74
N PRO D 127 -22.45 -22.77 2.73
CA PRO D 127 -23.64 -23.31 3.35
C PRO D 127 -23.55 -23.52 4.85
N ASP D 128 -22.34 -23.43 5.39
CA ASP D 128 -22.12 -23.64 6.82
C ASP D 128 -20.75 -23.16 7.16
N ALA D 129 -20.52 -22.99 8.48
CA ALA D 129 -19.29 -22.38 8.88
C ALA D 129 -18.04 -23.19 8.61
N SER D 130 -18.17 -24.53 8.78
N SER D 130 -18.08 -24.54 8.78
CA SER D 130 -17.07 -25.44 8.54
CA SER D 130 -16.87 -25.36 8.52
C SER D 130 -16.54 -25.31 7.12
C SER D 130 -16.46 -25.29 7.06
N THR D 131 -17.47 -25.39 6.20
CA THR D 131 -17.16 -25.24 4.73
C THR D 131 -16.54 -23.90 4.46
N ALA D 132 -17.06 -22.84 5.07
CA ALA D 132 -16.54 -21.50 4.85
C ALA D 132 -15.14 -21.31 5.36
N SER D 133 -14.76 -22.06 6.41
CA SER D 133 -13.58 -21.66 7.18
C SER D 133 -12.29 -21.75 6.39
N ASN D 134 -12.21 -22.57 5.37
CA ASN D 134 -10.94 -22.67 4.59
C ASN D 134 -11.02 -22.04 3.23
N LYS D 135 -12.03 -21.22 3.03
CA LYS D 135 -12.29 -20.65 1.67
C LYS D 135 -12.32 -19.14 1.68
N SER D 136 -12.14 -18.54 0.49
N SER D 136 -12.04 -18.55 0.49
CA SER D 136 -11.97 -17.14 0.36
CA SER D 136 -11.98 -17.11 0.29
C SER D 136 -13.16 -16.34 0.96
C SER D 136 -13.12 -16.37 0.98
N GLU D 137 -12.83 -15.28 1.69
CA GLU D 137 -13.83 -14.49 2.29
C GLU D 137 -14.71 -15.27 3.30
N GLY D 138 -14.23 -16.38 3.82
CA GLY D 138 -15.17 -17.26 4.52
C GLY D 138 -15.63 -16.76 5.90
N LEU D 139 -14.79 -16.03 6.66
CA LEU D 139 -15.11 -15.78 8.07
C LEU D 139 -14.95 -14.29 8.37
N ALA D 140 -15.68 -13.84 9.40
CA ALA D 140 -15.47 -12.48 9.93
C ALA D 140 -15.55 -12.64 11.46
N VAL D 141 -14.60 -12.07 12.15
CA VAL D 141 -14.62 -12.15 13.60
C VAL D 141 -14.73 -10.74 14.21
N LEU D 142 -15.53 -10.60 15.24
CA LEU D 142 -15.54 -9.41 16.07
C LEU D 142 -14.72 -9.70 17.30
N ALA D 143 -13.74 -8.86 17.56
CA ALA D 143 -12.85 -9.05 18.76
C ALA D 143 -13.06 -7.93 19.70
N VAL D 144 -13.28 -8.32 20.98
CA VAL D 144 -13.46 -7.37 22.09
C VAL D 144 -12.27 -7.58 23.02
N LEU D 145 -11.52 -6.54 23.27
CA LEU D 145 -10.45 -6.54 24.26
C LEU D 145 -11.00 -6.41 25.63
N ILE D 146 -10.49 -7.21 26.58
CA ILE D 146 -11.05 -7.26 27.93
C ILE D 146 -10.01 -6.85 28.92
N GLU D 147 -10.20 -5.75 29.64
N GLU D 147 -10.42 -5.93 29.80
CA GLU D 147 -9.23 -5.31 30.66
CA GLU D 147 -9.59 -5.34 30.80
C GLU D 147 -9.85 -5.61 32.08
C GLU D 147 -10.00 -5.73 32.17
N MET D 148 -8.97 -5.89 33.02
CA MET D 148 -9.32 -6.13 34.42
C MET D 148 -9.92 -4.84 34.98
N GLY D 149 -11.11 -4.91 35.52
CA GLY D 149 -11.84 -3.73 35.97
C GLY D 149 -13.02 -4.09 36.82
N SER D 150 -14.19 -3.52 36.52
CA SER D 150 -15.40 -3.79 37.25
C SER D 150 -16.01 -5.12 36.84
N PHE D 151 -16.73 -5.70 37.80
CA PHE D 151 -17.59 -6.88 37.53
C PHE D 151 -18.54 -6.60 36.41
N ASN D 152 -18.67 -7.61 35.51
CA ASN D 152 -19.45 -7.45 34.33
C ASN D 152 -20.57 -8.52 34.36
N PRO D 153 -21.82 -8.10 34.65
CA PRO D 153 -22.92 -9.04 34.79
C PRO D 153 -23.22 -9.76 33.46
N SER D 154 -22.95 -9.16 32.32
CA SER D 154 -23.28 -9.79 31.07
C SER D 154 -22.26 -10.89 30.77
N TYR D 155 -20.94 -10.65 30.97
CA TYR D 155 -19.98 -11.77 30.84
C TYR D 155 -20.25 -12.87 31.82
N ASP D 156 -20.76 -12.53 33.00
CA ASP D 156 -21.08 -13.50 34.00
C ASP D 156 -22.19 -14.49 33.54
N LYS D 157 -23.00 -14.10 32.52
CA LYS D 157 -24.03 -15.03 32.07
C LYS D 157 -23.30 -16.21 31.37
N ILE D 158 -22.05 -16.05 30.90
CA ILE D 158 -21.23 -17.16 30.39
C ILE D 158 -20.52 -17.77 31.59
N PHE D 159 -19.74 -16.91 32.33
CA PHE D 159 -18.90 -17.47 33.32
C PHE D 159 -19.51 -18.28 34.42
N SER D 160 -20.76 -18.02 34.74
CA SER D 160 -21.41 -18.77 35.81
C SER D 160 -21.53 -20.24 35.45
N HIS D 161 -21.40 -20.61 34.19
CA HIS D 161 -21.59 -22.01 33.76
C HIS D 161 -20.26 -22.79 33.66
N LEU D 162 -19.12 -22.12 33.95
CA LEU D 162 -17.79 -22.75 33.70
C LEU D 162 -17.60 -24.03 34.45
N GLN D 163 -18.14 -24.15 35.65
CA GLN D 163 -17.97 -25.35 36.44
C GLN D 163 -18.59 -26.56 35.82
N HIS D 164 -19.50 -26.37 34.91
CA HIS D 164 -20.16 -27.47 34.19
C HIS D 164 -19.52 -27.92 32.89
N VAL D 165 -18.43 -27.20 32.47
CA VAL D 165 -17.66 -27.56 31.27
C VAL D 165 -16.17 -27.61 31.59
N LYS D 166 -15.84 -28.13 32.78
CA LYS D 166 -14.50 -28.17 33.22
C LYS D 166 -13.50 -28.98 32.33
N TYR D 167 -13.96 -30.07 31.70
CA TYR D 167 -13.09 -30.94 30.93
C TYR D 167 -13.47 -30.99 29.46
N LYS D 168 -12.45 -31.31 28.64
CA LYS D 168 -12.57 -31.38 27.26
C LYS D 168 -13.76 -32.28 26.90
N GLY D 169 -14.66 -31.77 26.01
CA GLY D 169 -15.81 -32.48 25.59
C GLY D 169 -17.11 -32.27 26.39
N GLN D 170 -17.00 -31.73 27.57
CA GLN D 170 -18.17 -31.41 28.38
C GLN D 170 -18.97 -30.23 27.80
N GLU D 171 -20.26 -30.26 28.10
CA GLU D 171 -21.24 -29.34 27.53
C GLU D 171 -22.22 -28.88 28.57
N ALA D 172 -22.77 -27.71 28.40
CA ALA D 172 -23.82 -27.24 29.31
C ALA D 172 -24.68 -26.25 28.50
N PHE D 173 -25.91 -26.07 28.89
CA PHE D 173 -26.80 -25.12 28.18
C PHE D 173 -26.80 -23.81 28.90
N VAL D 174 -26.75 -22.73 28.15
CA VAL D 174 -26.76 -21.36 28.62
C VAL D 174 -28.11 -20.76 28.12
N PRO D 175 -28.94 -20.17 29.01
CA PRO D 175 -30.08 -19.41 28.46
C PRO D 175 -29.60 -18.20 27.63
N GLY D 176 -30.41 -17.88 26.60
CA GLY D 176 -30.12 -16.72 25.82
C GLY D 176 -30.03 -15.45 26.59
N PHE D 177 -29.19 -14.56 26.09
CA PHE D 177 -29.13 -13.22 26.60
C PHE D 177 -28.66 -12.36 25.42
N ASN D 178 -28.64 -11.05 25.66
CA ASN D 178 -28.30 -10.08 24.58
C ASN D 178 -26.77 -10.04 24.42
N ILE D 179 -26.29 -10.64 23.35
CA ILE D 179 -24.86 -10.74 23.09
C ILE D 179 -24.29 -9.34 22.83
N GLU D 180 -25.12 -8.37 22.41
CA GLU D 180 -24.59 -7.03 22.27
C GLU D 180 -24.07 -6.45 23.58
N GLU D 181 -24.54 -6.97 24.70
CA GLU D 181 -24.05 -6.53 25.99
C GLU D 181 -22.56 -6.90 26.24
N LEU D 182 -22.05 -7.80 25.42
CA LEU D 182 -20.60 -8.15 25.51
C LEU D 182 -19.75 -7.13 24.79
N LEU D 183 -20.31 -6.27 23.92
CA LEU D 183 -19.55 -5.35 23.11
C LEU D 183 -19.26 -4.08 23.86
N PRO D 184 -18.21 -3.37 23.49
CA PRO D 184 -17.84 -2.12 24.14
C PRO D 184 -18.57 -0.95 23.66
N GLU D 185 -18.19 0.22 24.31
CA GLU D 185 -18.74 1.47 23.85
C GLU D 185 -18.17 1.82 22.49
N ARG D 186 -19.04 2.60 21.74
CA ARG D 186 -18.56 3.21 20.48
C ARG D 186 -18.09 2.15 19.54
N THR D 187 -19.00 1.18 19.28
CA THR D 187 -18.63 0.20 18.31
C THR D 187 -18.27 0.67 16.90
N ALA D 188 -18.74 1.93 16.52
CA ALA D 188 -18.35 2.51 15.25
C ALA D 188 -16.85 2.73 15.15
N GLU D 189 -16.13 2.71 16.31
CA GLU D 189 -14.67 2.90 16.26
C GLU D 189 -13.95 1.52 16.35
N TYR D 190 -13.26 1.16 15.31
CA TYR D 190 -12.64 -0.17 15.22
C TYR D 190 -11.49 -0.14 14.34
N TYR D 191 -10.67 -1.20 14.50
CA TYR D 191 -9.59 -1.59 13.61
C TYR D 191 -10.10 -2.66 12.69
N ARG D 192 -9.64 -2.63 11.41
CA ARG D 192 -10.04 -3.64 10.41
C ARG D 192 -8.85 -4.09 9.66
N TYR D 193 -8.65 -5.44 9.53
CA TYR D 193 -7.56 -5.94 8.67
C TYR D 193 -7.89 -7.35 8.25
N ARG D 194 -7.14 -7.79 7.28
CA ARG D 194 -7.31 -9.18 6.71
C ARG D 194 -6.29 -10.06 7.41
N GLY D 195 -6.82 -11.19 8.00
CA GLY D 195 -5.94 -12.10 8.69
C GLY D 195 -6.46 -13.50 8.65
N SER D 196 -6.24 -14.22 9.78
CA SER D 196 -6.40 -15.66 9.79
C SER D 196 -7.12 -16.07 11.03
N LEU D 197 -7.48 -17.35 11.08
CA LEU D 197 -7.76 -17.97 12.39
C LEU D 197 -6.48 -17.88 13.22
N THR D 198 -6.63 -17.62 14.57
CA THR D 198 -5.47 -17.56 15.44
C THR D 198 -5.13 -18.91 16.04
N THR D 199 -5.91 -19.94 15.65
CA THR D 199 -5.63 -21.32 16.06
C THR D 199 -5.46 -22.15 14.82
N PRO D 200 -4.85 -23.35 14.89
CA PRO D 200 -4.90 -24.28 13.77
C PRO D 200 -6.35 -24.43 13.32
N PRO D 201 -6.60 -24.56 11.98
CA PRO D 201 -5.54 -24.68 10.92
C PRO D 201 -5.03 -23.36 10.45
N CYS D 202 -5.35 -22.20 11.07
CA CYS D 202 -4.70 -20.90 10.78
C CYS D 202 -5.08 -20.40 9.35
N ASN D 203 -6.23 -20.82 8.82
CA ASN D 203 -6.56 -20.40 7.44
C ASN D 203 -6.59 -18.89 7.34
N PRO D 204 -6.03 -18.30 6.25
CA PRO D 204 -6.02 -16.82 6.12
C PRO D 204 -7.34 -16.36 5.50
N THR D 205 -8.45 -16.58 6.17
CA THR D 205 -9.76 -16.46 5.63
C THR D 205 -10.66 -15.53 6.48
N VAL D 206 -10.03 -14.77 7.39
CA VAL D 206 -10.79 -14.00 8.36
C VAL D 206 -10.66 -12.46 8.12
N LEU D 207 -11.80 -11.83 8.03
CA LEU D 207 -11.89 -10.39 8.09
C LEU D 207 -12.02 -9.99 9.56
N TRP D 208 -10.98 -9.36 10.10
CA TRP D 208 -10.99 -8.98 11.57
C TRP D 208 -11.49 -7.59 11.78
N THR D 209 -12.35 -7.47 12.80
CA THR D 209 -12.77 -6.20 13.35
C THR D 209 -12.43 -6.21 14.85
N VAL D 210 -11.55 -5.34 15.28
CA VAL D 210 -11.17 -5.28 16.68
C VAL D 210 -11.69 -3.94 17.20
N PHE D 211 -12.59 -3.95 18.13
CA PHE D 211 -13.13 -2.69 18.56
C PHE D 211 -12.06 -1.87 19.29
N ARG D 212 -12.13 -0.52 19.13
CA ARG D 212 -11.14 0.28 19.75
C ARG D 212 -11.19 0.32 21.28
N ASN D 213 -12.38 0.25 21.83
CA ASN D 213 -12.54 0.37 23.25
C ASN D 213 -12.65 -1.03 23.91
N PRO D 214 -11.99 -1.26 25.05
CA PRO D 214 -12.15 -2.50 25.76
C PRO D 214 -13.43 -2.52 26.57
N VAL D 215 -13.79 -3.71 27.05
CA VAL D 215 -14.71 -3.88 28.14
C VAL D 215 -13.98 -4.24 29.37
N GLN D 216 -14.63 -4.25 30.53
CA GLN D 216 -14.01 -4.66 31.79
C GLN D 216 -14.72 -5.90 32.31
N ILE D 217 -13.97 -6.79 32.93
CA ILE D 217 -14.48 -7.83 33.83
C ILE D 217 -13.62 -7.79 35.10
N SER D 218 -14.10 -8.33 36.19
CA SER D 218 -13.35 -8.18 37.43
C SER D 218 -12.22 -9.16 37.54
N GLN D 219 -11.31 -8.89 38.50
CA GLN D 219 -10.29 -9.81 38.85
C GLN D 219 -10.88 -11.17 39.21
N GLU D 220 -11.96 -11.16 40.00
CA GLU D 220 -12.60 -12.45 40.44
C GLU D 220 -13.09 -13.17 39.21
N GLN D 221 -13.71 -12.49 38.25
CA GLN D 221 -14.17 -13.17 37.02
C GLN D 221 -13.01 -13.76 36.24
N LEU D 222 -11.92 -12.96 36.11
CA LEU D 222 -10.74 -13.42 35.39
C LEU D 222 -10.14 -14.64 36.11
N LEU D 223 -10.05 -14.60 37.42
CA LEU D 223 -9.47 -15.72 38.15
C LEU D 223 -10.35 -16.96 37.94
N ALA D 224 -11.65 -16.79 37.97
CA ALA D 224 -12.57 -17.93 37.73
C ALA D 224 -12.32 -18.52 36.34
N LEU D 225 -12.24 -17.67 35.33
CA LEU D 225 -11.97 -18.16 33.99
C LEU D 225 -10.64 -18.85 33.84
N GLU D 226 -9.62 -18.29 34.52
CA GLU D 226 -8.28 -18.81 34.45
C GLU D 226 -8.08 -20.07 35.21
N THR D 227 -8.94 -20.41 36.11
CA THR D 227 -8.75 -21.64 36.96
C THR D 227 -9.84 -22.64 36.73
N ALA D 228 -10.85 -22.39 35.89
CA ALA D 228 -12.04 -23.30 35.88
C ALA D 228 -11.76 -24.52 34.96
N LEU D 229 -10.95 -24.39 33.93
CA LEU D 229 -11.01 -25.37 32.86
C LEU D 229 -9.72 -26.16 32.66
N TYR D 230 -9.85 -27.30 32.04
CA TYR D 230 -8.77 -28.17 31.63
C TYR D 230 -8.81 -28.43 30.15
N CYS D 231 -7.69 -28.55 29.51
CA CYS D 231 -7.61 -28.82 28.10
C CYS D 231 -7.79 -30.35 27.79
N THR D 232 -7.68 -31.13 28.87
CA THR D 232 -7.70 -32.61 28.73
C THR D 232 -9.09 -33.15 29.14
N HIS D 233 -9.31 -34.37 28.65
CA HIS D 233 -10.55 -35.11 29.06
C HIS D 233 -10.49 -35.42 30.51
N MET D 234 -11.66 -35.63 31.08
CA MET D 234 -11.75 -35.87 32.52
C MET D 234 -10.88 -37.08 32.98
N ASP D 235 -10.83 -38.11 32.12
CA ASP D 235 -10.08 -39.29 32.58
C ASP D 235 -8.61 -39.33 32.16
N ASP D 236 -8.09 -38.22 31.65
CA ASP D 236 -6.73 -38.23 31.27
C ASP D 236 -5.82 -38.33 32.50
N PRO D 237 -4.88 -39.29 32.56
CA PRO D 237 -3.93 -39.33 33.69
C PRO D 237 -2.92 -38.18 33.80
N SER D 238 -2.78 -37.31 32.78
CA SER D 238 -1.89 -36.17 32.80
C SER D 238 -2.73 -34.95 32.51
N PRO D 239 -3.48 -34.46 33.50
CA PRO D 239 -4.36 -33.23 33.27
C PRO D 239 -3.58 -31.98 33.04
N ARG D 240 -4.10 -31.11 32.13
CA ARG D 240 -3.35 -29.88 31.69
C ARG D 240 -4.40 -28.74 31.92
N GLU D 241 -4.10 -27.75 32.79
CA GLU D 241 -5.00 -26.63 32.88
C GLU D 241 -5.07 -25.83 31.63
N MET D 242 -6.26 -25.25 31.40
CA MET D 242 -6.44 -24.44 30.21
C MET D 242 -6.11 -22.98 30.60
N ILE D 243 -4.87 -22.59 30.34
CA ILE D 243 -4.33 -21.27 30.64
C ILE D 243 -3.46 -20.82 29.46
N ASN D 244 -3.27 -19.49 29.36
CA ASN D 244 -2.38 -18.95 28.36
C ASN D 244 -2.72 -19.45 26.95
N ASN D 245 -4.03 -19.44 26.61
CA ASN D 245 -4.49 -19.98 25.36
C ASN D 245 -4.59 -18.83 24.32
N PHE D 246 -3.49 -18.14 24.14
CA PHE D 246 -3.39 -17.05 23.14
C PHE D 246 -2.16 -17.31 22.34
N ARG D 247 -2.20 -16.90 21.06
CA ARG D 247 -1.07 -16.94 20.18
C ARG D 247 -0.26 -15.65 20.29
N GLN D 248 1.06 -15.72 20.14
CA GLN D 248 1.87 -14.50 20.03
C GLN D 248 1.47 -13.74 18.79
N VAL D 249 1.77 -12.42 18.80
CA VAL D 249 1.51 -11.59 17.61
C VAL D 249 2.44 -12.02 16.46
N GLN D 250 1.96 -11.74 15.24
CA GLN D 250 2.59 -12.22 14.00
C GLN D 250 3.18 -11.06 13.22
N LYS D 251 4.12 -11.39 12.37
CA LYS D 251 4.68 -10.34 11.41
C LYS D 251 3.53 -9.79 10.59
N PHE D 252 3.63 -8.51 10.26
CA PHE D 252 2.61 -7.89 9.46
C PHE D 252 2.65 -8.34 7.95
N ASP D 253 3.74 -8.84 7.34
CA ASP D 253 3.65 -9.23 5.91
C ASP D 253 3.14 -8.07 5.01
N GLU D 254 3.56 -6.80 5.29
CA GLU D 254 3.26 -5.68 4.43
C GLU D 254 1.80 -5.18 4.60
N ARG D 255 1.02 -5.81 5.46
CA ARG D 255 -0.30 -5.27 5.64
C ARG D 255 -0.43 -3.98 6.55
N LEU D 256 -1.46 -3.16 6.24
CA LEU D 256 -1.86 -2.06 7.09
C LEU D 256 -3.15 -2.46 7.80
N VAL D 257 -3.34 -1.76 8.86
CA VAL D 257 -4.60 -1.96 9.60
C VAL D 257 -5.34 -0.63 9.44
N TYR D 258 -6.54 -0.75 8.99
CA TYR D 258 -7.36 0.40 8.63
C TYR D 258 -8.26 0.73 9.82
N THR D 259 -8.43 2.03 10.10
CA THR D 259 -9.20 2.45 11.25
C THR D 259 -10.37 3.22 10.85
N SER D 260 -11.46 3.14 11.60
CA SER D 260 -12.69 3.93 11.34
C SER D 260 -12.67 5.25 12.13
N PHE D 261 -11.58 5.54 12.80
CA PHE D 261 -11.39 6.72 13.63
C PHE D 261 -10.08 7.30 13.24
N SER D 262 -10.15 8.62 13.19
CA SER D 262 -8.90 9.29 12.80
C SER D 262 -8.21 9.75 14.04
N GLN D 263 -8.94 9.89 15.11
CA GLN D 263 -8.32 10.48 16.28
C GLN D 263 -8.93 9.91 17.57
#